data_5QII
#
_entry.id   5QII
#
_cell.length_a   74.500
_cell.length_b   93.900
_cell.length_c   162.700
_cell.angle_alpha   90.000
_cell.angle_beta   90.000
_cell.angle_gamma   90.000
#
_symmetry.space_group_name_H-M   'P 21 21 21'
#
loop_
_entity.id
_entity.type
_entity.pdbx_description
1 polymer 'Corticosteroid 11-beta-dehydrogenase isozyme 1'
2 non-polymer 'NADP NICOTINAMIDE-ADENINE-DINUCLEOTIDE PHOSPHATE'
3 non-polymer 2-{3-[1-(4-chlorophenyl)cyclopropyl][1,2,4]triazolo[4,3-a]pyridin-8-yl}propan-2-ol
4 water water
#
_entity_poly.entity_id   1
_entity_poly.type   'polypeptide(L)'
_entity_poly.pdbx_seq_one_letter_code
;GSHMASMTGGQQMGRGSNEEFRPEMLQGKKVIVTGASKGIGREMAYHLAKMGAHVVVTARSKETLQKVVSHCLELGAASA
HYIAGTMEDMTFAEQFVAQAGKLMGGLDMLILNHITNTSLNLFHDDIHHVRKSMEVNFLSYVVLTVAALPMLKQSNGSIV
VVSSLAGKVAYPMVAAYSASKFALDGFFSSIRKEYSVSRVNVSITLCVLGLIDTETAMKAVSGIVHMQAAPKEECALEII
KGGALRQEEVYYDSSRWTTLLIRNPCRKILEELYSTSYNMDRFINK
;
_entity_poly.pdbx_strand_id   A,B,D,E
#
loop_
_chem_comp.id
_chem_comp.type
_chem_comp.name
_chem_comp.formula
HJG non-polymer 2-{3-[1-(4-chlorophenyl)cyclopropyl][1,2,4]triazolo[4,3-a]pyridin-8-yl}propan-2-ol 'C18 H18 Cl N3 O'
NAP non-polymer 'NADP NICOTINAMIDE-ADENINE-DINUCLEOTIDE PHOSPHATE' 'C21 H28 N7 O17 P3'
#
# COMPACT_ATOMS: atom_id res chain seq x y z
N GLU A 20 -12.33 12.81 19.23
CA GLU A 20 -13.58 12.15 19.59
C GLU A 20 -14.79 13.06 19.40
N PHE A 21 -15.84 12.52 18.76
CA PHE A 21 -17.06 13.28 18.52
C PHE A 21 -17.96 13.39 19.75
N ARG A 22 -18.44 14.64 19.98
CA ARG A 22 -19.37 15.05 21.04
C ARG A 22 -20.55 15.77 20.33
N PRO A 23 -21.83 15.40 20.57
CA PRO A 23 -22.95 16.02 19.83
C PRO A 23 -23.11 17.53 20.00
N GLU A 24 -22.50 18.13 21.04
CA GLU A 24 -22.49 19.55 21.39
C GLU A 24 -21.67 20.38 20.38
N MET A 25 -20.86 19.69 19.54
CA MET A 25 -20.03 20.30 18.49
C MET A 25 -20.94 20.94 17.42
N LEU A 26 -22.13 20.35 17.20
CA LEU A 26 -23.12 20.80 16.22
C LEU A 26 -24.19 21.75 16.78
N GLN A 27 -24.18 22.00 18.11
CA GLN A 27 -25.11 22.89 18.80
C GLN A 27 -24.92 24.35 18.33
N GLY A 28 -26.01 24.94 17.83
CA GLY A 28 -26.04 26.30 17.32
C GLY A 28 -25.35 26.52 15.98
N LYS A 29 -24.94 25.43 15.32
CA LYS A 29 -24.26 25.50 14.03
C LYS A 29 -25.27 25.65 12.90
N LYS A 30 -24.95 26.49 11.91
CA LYS A 30 -25.78 26.78 10.74
C LYS A 30 -25.43 25.80 9.62
N VAL A 31 -26.30 24.78 9.40
CA VAL A 31 -26.08 23.67 8.45
C VAL A 31 -27.12 23.56 7.30
N ILE A 32 -26.63 23.34 6.07
CA ILE A 32 -27.40 23.07 4.85
C ILE A 32 -27.30 21.54 4.60
N VAL A 33 -28.45 20.88 4.34
CA VAL A 33 -28.50 19.47 3.98
C VAL A 33 -29.30 19.39 2.67
N THR A 34 -28.63 18.98 1.59
CA THR A 34 -29.28 18.83 0.29
C THR A 34 -29.77 17.39 0.22
N GLY A 35 -30.80 17.12 -0.56
CA GLY A 35 -31.37 15.79 -0.68
C GLY A 35 -31.83 15.26 0.67
N ALA A 36 -32.46 16.14 1.43
CA ALA A 36 -32.86 15.87 2.80
C ALA A 36 -34.34 15.53 2.98
N SER A 37 -35.07 15.29 1.88
CA SER A 37 -36.47 14.91 2.00
C SER A 37 -36.62 13.45 2.40
N LYS A 38 -35.60 12.60 2.09
CA LYS A 38 -35.58 11.17 2.40
C LYS A 38 -34.15 10.58 2.52
N GLY A 39 -34.08 9.29 2.84
CA GLY A 39 -32.86 8.51 2.99
C GLY A 39 -31.87 9.03 3.99
N ILE A 40 -30.58 9.04 3.62
CA ILE A 40 -29.45 9.49 4.45
C ILE A 40 -29.58 10.99 4.79
N GLY A 41 -29.96 11.82 3.80
CA GLY A 41 -30.16 13.26 3.95
C GLY A 41 -31.11 13.66 5.05
N ARG A 42 -32.28 12.99 5.10
CA ARG A 42 -33.33 13.20 6.12
C ARG A 42 -32.80 12.76 7.50
N GLU A 43 -32.10 11.60 7.54
CA GLU A 43 -31.49 11.05 8.76
C GLU A 43 -30.46 12.01 9.37
N MET A 44 -29.73 12.72 8.50
CA MET A 44 -28.74 13.74 8.87
C MET A 44 -29.45 14.96 9.47
N ALA A 45 -30.54 15.41 8.83
CA ALA A 45 -31.36 16.54 9.31
C ALA A 45 -31.84 16.25 10.74
N TYR A 46 -32.34 15.01 10.98
CA TYR A 46 -32.83 14.48 12.26
C TYR A 46 -31.75 14.43 13.34
N HIS A 47 -30.51 14.00 12.98
CA HIS A 47 -29.38 13.97 13.92
C HIS A 47 -28.95 15.38 14.27
N LEU A 48 -28.94 16.30 13.28
CA LEU A 48 -28.57 17.71 13.47
C LEU A 48 -29.56 18.44 14.37
N ALA A 49 -30.85 18.10 14.22
CA ALA A 49 -31.97 18.64 14.98
C ALA A 49 -31.77 18.32 16.46
N LYS A 50 -31.55 17.02 16.78
CA LYS A 50 -31.30 16.50 18.13
C LYS A 50 -30.11 17.18 18.80
N MET A 51 -29.08 17.54 18.00
CA MET A 51 -27.85 18.22 18.44
C MET A 51 -28.03 19.72 18.64
N GLY A 52 -29.21 20.24 18.34
CA GLY A 52 -29.56 21.65 18.51
C GLY A 52 -28.91 22.59 17.52
N ALA A 53 -28.84 22.16 16.25
CA ALA A 53 -28.28 22.96 15.16
C ALA A 53 -29.39 23.68 14.41
N HIS A 54 -29.03 24.73 13.65
CA HIS A 54 -29.91 25.47 12.75
C HIS A 54 -29.81 24.71 11.43
N VAL A 55 -30.95 24.32 10.85
CA VAL A 55 -30.97 23.55 9.60
C VAL A 55 -31.83 24.20 8.51
N VAL A 56 -31.38 24.09 7.25
CA VAL A 56 -32.09 24.53 6.05
C VAL A 56 -31.96 23.34 5.08
N VAL A 57 -33.06 22.60 4.92
CA VAL A 57 -33.15 21.40 4.08
C VAL A 57 -33.71 21.68 2.68
N THR A 58 -33.24 20.92 1.68
CA THR A 58 -33.68 21.05 0.30
C THR A 58 -33.87 19.70 -0.36
N ALA A 59 -34.74 19.72 -1.40
CA ALA A 59 -35.20 18.62 -2.24
C ALA A 59 -36.22 19.23 -3.22
N ARG A 60 -36.91 18.41 -4.02
CA ARG A 60 -37.93 18.93 -4.94
C ARG A 60 -39.30 18.96 -4.29
N SER A 61 -39.68 17.90 -3.54
CA SER A 61 -41.00 17.78 -2.91
C SER A 61 -41.15 18.60 -1.63
N LYS A 62 -42.05 19.61 -1.71
CA LYS A 62 -42.42 20.58 -0.68
C LYS A 62 -43.00 19.88 0.56
N GLU A 63 -43.93 18.93 0.33
CA GLU A 63 -44.65 18.14 1.34
C GLU A 63 -43.73 17.28 2.15
N THR A 64 -42.77 16.60 1.49
CA THR A 64 -41.79 15.74 2.15
C THR A 64 -40.87 16.59 3.03
N LEU A 65 -40.49 17.79 2.54
CA LEU A 65 -39.64 18.77 3.23
C LEU A 65 -40.34 19.34 4.47
N GLN A 66 -41.64 19.60 4.37
CA GLN A 66 -42.49 20.15 5.44
C GLN A 66 -42.52 19.21 6.64
N LYS A 67 -42.68 17.90 6.36
CA LYS A 67 -42.73 16.82 7.35
C LYS A 67 -41.40 16.70 8.10
N VAL A 68 -40.28 16.99 7.39
CA VAL A 68 -38.92 16.94 7.93
C VAL A 68 -38.71 18.14 8.83
N VAL A 69 -39.07 19.35 8.37
CA VAL A 69 -38.94 20.60 9.12
C VAL A 69 -39.70 20.56 10.46
N SER A 70 -40.93 20.00 10.42
CA SER A 70 -41.83 19.82 11.56
C SER A 70 -41.20 18.89 12.59
N HIS A 71 -40.73 17.72 12.13
CA HIS A 71 -40.12 16.73 12.99
CA HIS A 71 -40.10 16.70 12.97
C HIS A 71 -38.74 17.17 13.49
N CYS A 72 -38.03 18.01 12.73
CA CYS A 72 -36.74 18.53 13.15
C CYS A 72 -36.87 19.57 14.27
N LEU A 73 -37.96 20.36 14.26
CA LEU A 73 -38.27 21.31 15.35
C LEU A 73 -38.65 20.53 16.63
N GLU A 74 -39.41 19.42 16.46
CA GLU A 74 -39.82 18.50 17.53
C GLU A 74 -38.60 17.85 18.18
N LEU A 75 -37.56 17.50 17.39
CA LEU A 75 -36.34 16.86 17.91
C LEU A 75 -35.43 17.82 18.68
N GLY A 76 -35.68 19.12 18.54
CA GLY A 76 -34.93 20.15 19.25
C GLY A 76 -33.98 20.99 18.43
N ALA A 77 -34.27 21.20 17.14
CA ALA A 77 -33.43 22.05 16.29
C ALA A 77 -33.56 23.50 16.75
N ALA A 78 -32.45 24.25 16.69
CA ALA A 78 -32.41 25.67 17.05
C ALA A 78 -33.33 26.49 16.14
N SER A 79 -33.47 26.00 14.88
CA SER A 79 -34.35 26.51 13.82
C SER A 79 -34.38 25.48 12.69
N ALA A 80 -35.47 25.44 11.93
CA ALA A 80 -35.62 24.53 10.79
C ALA A 80 -36.43 25.19 9.71
N HIS A 81 -35.89 25.20 8.49
CA HIS A 81 -36.49 25.78 7.28
C HIS A 81 -36.27 24.86 6.08
N TYR A 82 -37.04 25.07 5.01
CA TYR A 82 -36.89 24.32 3.76
C TYR A 82 -37.07 25.25 2.56
N ILE A 83 -36.39 24.93 1.46
CA ILE A 83 -36.50 25.66 0.19
C ILE A 83 -36.54 24.57 -0.87
N ALA A 84 -37.73 24.29 -1.43
CA ALA A 84 -37.90 23.27 -2.46
C ALA A 84 -37.49 23.77 -3.85
N GLY A 85 -36.87 22.87 -4.62
CA GLY A 85 -36.41 23.14 -5.98
C GLY A 85 -35.49 22.07 -6.52
N THR A 86 -35.28 22.08 -7.83
CA THR A 86 -34.44 21.11 -8.50
C THR A 86 -33.01 21.60 -8.67
N MET A 87 -32.08 20.68 -8.40
CA MET A 87 -30.64 20.91 -8.50
C MET A 87 -30.14 20.78 -9.93
N GLU A 88 -31.08 20.63 -10.88
CA GLU A 88 -30.85 20.61 -12.33
C GLU A 88 -30.67 22.07 -12.76
N ASP A 89 -31.26 22.99 -11.99
CA ASP A 89 -31.26 24.43 -12.16
C ASP A 89 -30.14 25.04 -11.34
N MET A 90 -29.06 25.44 -12.03
CA MET A 90 -27.86 26.06 -11.45
C MET A 90 -28.15 27.42 -10.87
N THR A 91 -29.22 28.10 -11.38
CA THR A 91 -29.69 29.38 -10.88
C THR A 91 -30.33 29.14 -9.51
N PHE A 92 -31.16 28.06 -9.39
CA PHE A 92 -31.81 27.70 -8.12
C PHE A 92 -30.73 27.35 -7.09
N ALA A 93 -29.77 26.46 -7.47
CA ALA A 93 -28.66 26.02 -6.62
C ALA A 93 -27.90 27.18 -6.02
N GLU A 94 -27.59 28.22 -6.82
CA GLU A 94 -26.87 29.44 -6.43
C GLU A 94 -27.70 30.31 -5.47
N GLN A 95 -28.99 30.51 -5.79
CA GLN A 95 -29.90 31.35 -5.00
C GLN A 95 -30.30 30.71 -3.72
N PHE A 96 -30.44 29.37 -3.69
CA PHE A 96 -30.80 28.59 -2.49
C PHE A 96 -29.83 28.84 -1.34
N VAL A 97 -28.52 28.84 -1.63
CA VAL A 97 -27.45 29.03 -0.65
C VAL A 97 -27.59 30.40 0.02
N ALA A 98 -27.74 31.46 -0.80
CA ALA A 98 -27.90 32.86 -0.41
C ALA A 98 -29.13 33.02 0.50
N GLN A 99 -30.26 32.41 0.11
CA GLN A 99 -31.53 32.40 0.84
C GLN A 99 -31.38 31.67 2.16
N ALA A 100 -30.72 30.48 2.16
CA ALA A 100 -30.47 29.65 3.36
C ALA A 100 -29.57 30.36 4.38
N GLY A 101 -28.56 31.07 3.89
CA GLY A 101 -27.64 31.86 4.70
C GLY A 101 -28.33 33.04 5.37
N LYS A 102 -29.25 33.70 4.64
CA LYS A 102 -30.06 34.82 5.11
C LYS A 102 -30.98 34.36 6.26
N LEU A 103 -31.57 33.14 6.13
CA LEU A 103 -32.46 32.52 7.12
C LEU A 103 -31.75 32.16 8.42
N MET A 104 -30.46 31.78 8.32
CA MET A 104 -29.67 31.34 9.48
C MET A 104 -28.71 32.38 10.04
N GLY A 105 -28.45 33.43 9.27
CA GLY A 105 -27.51 34.48 9.64
C GLY A 105 -26.08 34.04 9.39
N GLY A 106 -25.90 33.20 8.36
CA GLY A 106 -24.60 32.65 7.97
C GLY A 106 -24.64 31.16 7.69
N LEU A 107 -23.46 30.54 7.63
CA LEU A 107 -23.29 29.11 7.34
C LEU A 107 -21.98 28.56 7.90
N ASP A 108 -22.06 27.42 8.61
CA ASP A 108 -20.94 26.70 9.23
C ASP A 108 -20.67 25.37 8.49
N MET A 109 -21.72 24.69 7.99
CA MET A 109 -21.56 23.42 7.30
C MET A 109 -22.46 23.26 6.09
N LEU A 110 -21.88 22.85 4.96
CA LEU A 110 -22.59 22.59 3.71
C LEU A 110 -22.50 21.10 3.43
N ILE A 111 -23.64 20.38 3.60
CA ILE A 111 -23.73 18.95 3.35
C ILE A 111 -24.39 18.74 1.99
N LEU A 112 -23.55 18.27 1.04
CA LEU A 112 -23.89 18.00 -0.36
C LEU A 112 -24.16 16.52 -0.48
N ASN A 113 -25.44 16.16 -0.59
CA ASN A 113 -25.91 14.80 -0.54
C ASN A 113 -26.82 14.38 -1.69
N HIS A 114 -27.60 15.30 -2.29
CA HIS A 114 -28.52 14.99 -3.39
C HIS A 114 -27.87 14.34 -4.60
N ILE A 115 -28.66 13.49 -5.30
CA ILE A 115 -28.27 12.83 -6.54
C ILE A 115 -29.50 12.74 -7.42
N THR A 116 -29.29 12.69 -8.76
CA THR A 116 -30.35 12.48 -9.74
C THR A 116 -30.75 11.01 -9.56
N ASN A 117 -32.06 10.73 -9.72
CA ASN A 117 -32.61 9.38 -9.62
C ASN A 117 -31.88 8.47 -10.61
N THR A 118 -31.31 7.39 -10.09
CA THR A 118 -30.51 6.46 -10.89
C THR A 118 -30.90 5.01 -10.61
N SER A 119 -31.07 4.22 -11.69
CA SER A 119 -31.36 2.80 -11.60
C SER A 119 -30.12 2.00 -12.03
N LEU A 120 -30.02 0.74 -11.56
CA LEU A 120 -28.91 -0.13 -11.94
C LEU A 120 -29.22 -0.68 -13.32
N ASN A 121 -28.42 -0.29 -14.33
CA ASN A 121 -28.61 -0.70 -15.72
C ASN A 121 -27.30 -0.65 -16.49
N LEU A 122 -27.18 -1.51 -17.52
CA LEU A 122 -26.01 -1.48 -18.39
C LEU A 122 -26.08 -0.25 -19.26
N PHE A 123 -24.92 0.33 -19.58
CA PHE A 123 -24.85 1.52 -20.42
C PHE A 123 -24.92 1.08 -21.89
N HIS A 124 -25.75 1.78 -22.66
CA HIS A 124 -25.91 1.54 -24.08
C HIS A 124 -25.78 2.83 -24.88
N ASP A 125 -26.68 3.81 -24.65
CA ASP A 125 -26.67 5.07 -25.39
C ASP A 125 -27.29 6.26 -24.66
N ASP A 126 -27.64 6.10 -23.37
CA ASP A 126 -28.29 7.16 -22.58
C ASP A 126 -27.32 8.27 -22.19
N ILE A 127 -27.03 9.15 -23.15
CA ILE A 127 -26.16 10.32 -22.96
C ILE A 127 -26.83 11.38 -22.10
N HIS A 128 -28.17 11.42 -22.16
CA HIS A 128 -29.00 12.33 -21.36
C HIS A 128 -28.79 12.03 -19.88
N HIS A 129 -28.74 10.72 -19.51
CA HIS A 129 -28.49 10.28 -18.15
C HIS A 129 -27.04 10.52 -17.73
N VAL A 130 -26.06 10.45 -18.67
CA VAL A 130 -24.65 10.73 -18.37
C VAL A 130 -24.50 12.22 -18.06
N ARG A 131 -25.06 13.08 -18.92
CA ARG A 131 -25.05 14.54 -18.77
C ARG A 131 -25.81 15.00 -17.50
N LYS A 132 -27.01 14.42 -17.25
CA LYS A 132 -27.83 14.80 -16.09
C LYS A 132 -27.16 14.40 -14.79
N SER A 133 -26.45 13.22 -14.77
CA SER A 133 -25.70 12.74 -13.61
C SER A 133 -24.56 13.71 -13.33
N MET A 134 -23.83 14.14 -14.37
CA MET A 134 -22.74 15.12 -14.20
C MET A 134 -23.27 16.44 -13.68
N GLU A 135 -24.41 16.92 -14.22
CA GLU A 135 -25.01 18.19 -13.84
C GLU A 135 -25.53 18.19 -12.40
N VAL A 136 -26.35 17.20 -12.02
CA VAL A 136 -26.96 17.11 -10.69
C VAL A 136 -25.99 16.57 -9.67
N ASN A 137 -25.34 15.43 -9.95
CA ASN A 137 -24.46 14.77 -8.98
C ASN A 137 -23.13 15.48 -8.77
N PHE A 138 -22.67 16.29 -9.75
CA PHE A 138 -21.36 16.94 -9.66
C PHE A 138 -21.36 18.48 -9.85
N LEU A 139 -21.91 18.99 -10.96
CA LEU A 139 -21.85 20.42 -11.25
C LEU A 139 -22.59 21.29 -10.26
N SER A 140 -23.77 20.84 -9.79
CA SER A 140 -24.54 21.59 -8.79
C SER A 140 -23.78 21.70 -7.47
N TYR A 141 -22.96 20.68 -7.14
CA TYR A 141 -22.11 20.65 -5.95
C TYR A 141 -21.07 21.77 -6.01
N VAL A 142 -20.49 21.99 -7.19
CA VAL A 142 -19.51 23.04 -7.48
C VAL A 142 -20.21 24.41 -7.37
N VAL A 143 -21.42 24.57 -8.00
CA VAL A 143 -22.25 25.79 -7.96
C VAL A 143 -22.62 26.15 -6.51
N LEU A 144 -23.04 25.15 -5.72
CA LEU A 144 -23.39 25.28 -4.30
C LEU A 144 -22.17 25.69 -3.46
N THR A 145 -20.97 25.15 -3.77
CA THR A 145 -19.70 25.46 -3.10
C THR A 145 -19.29 26.92 -3.37
N VAL A 146 -19.32 27.37 -4.64
CA VAL A 146 -18.97 28.75 -5.07
C VAL A 146 -19.82 29.78 -4.33
N ALA A 147 -21.13 29.51 -4.21
CA ALA A 147 -22.10 30.35 -3.52
C ALA A 147 -21.89 30.34 -1.99
N ALA A 148 -21.53 29.17 -1.41
CA ALA A 148 -21.34 28.99 0.04
C ALA A 148 -19.98 29.40 0.59
N LEU A 149 -18.92 29.44 -0.27
CA LEU A 149 -17.55 29.74 0.16
C LEU A 149 -17.38 31.09 0.93
N PRO A 150 -17.95 32.26 0.49
CA PRO A 150 -17.75 33.49 1.29
C PRO A 150 -18.19 33.35 2.74
N MET A 151 -19.38 32.75 2.99
CA MET A 151 -19.93 32.51 4.32
C MET A 151 -19.08 31.52 5.13
N LEU A 152 -18.61 30.42 4.47
CA LEU A 152 -17.79 29.37 5.12
C LEU A 152 -16.38 29.88 5.45
N LYS A 153 -15.85 30.81 4.65
CA LYS A 153 -14.54 31.44 4.87
C LYS A 153 -14.59 32.28 6.15
N GLN A 154 -15.72 33.00 6.33
CA GLN A 154 -16.03 33.84 7.48
C GLN A 154 -16.14 33.02 8.78
N SER A 155 -16.82 31.86 8.72
CA SER A 155 -17.04 30.98 9.87
C SER A 155 -15.97 29.89 10.06
N ASN A 156 -14.99 29.78 9.12
CA ASN A 156 -13.97 28.73 9.09
C ASN A 156 -14.72 27.36 9.12
N GLY A 157 -15.71 27.27 8.24
CA GLY A 157 -16.64 26.15 8.12
C GLY A 157 -16.18 24.88 7.43
N SER A 158 -17.15 24.03 7.12
CA SER A 158 -16.96 22.71 6.52
C SER A 158 -17.83 22.44 5.29
N ILE A 159 -17.26 21.74 4.30
CA ILE A 159 -17.96 21.22 3.12
C ILE A 159 -17.93 19.70 3.31
N VAL A 160 -19.10 19.05 3.24
CA VAL A 160 -19.27 17.61 3.38
C VAL A 160 -19.87 17.09 2.08
N VAL A 161 -19.09 16.26 1.36
CA VAL A 161 -19.41 15.70 0.05
C VAL A 161 -19.78 14.22 0.17
N VAL A 162 -21.06 13.90 0.01
CA VAL A 162 -21.52 12.51 0.11
C VAL A 162 -21.28 11.78 -1.22
N SER A 163 -20.42 10.76 -1.17
CA SER A 163 -20.01 9.95 -2.31
C SER A 163 -20.31 8.49 -2.03
N SER A 164 -19.70 7.61 -2.84
CA SER A 164 -19.92 6.18 -2.82
C SER A 164 -18.57 5.45 -2.98
N LEU A 165 -18.61 4.10 -2.78
CA LEU A 165 -17.51 3.18 -3.04
C LEU A 165 -17.32 3.22 -4.56
N ALA A 166 -18.45 3.47 -5.27
CA ALA A 166 -18.56 3.64 -6.73
C ALA A 166 -17.88 4.96 -7.22
N GLY A 167 -17.39 5.75 -6.27
CA GLY A 167 -16.63 6.97 -6.50
C GLY A 167 -15.15 6.76 -6.17
N LYS A 168 -14.76 5.51 -5.86
CA LYS A 168 -13.37 5.12 -5.52
C LYS A 168 -12.92 3.89 -6.31
N VAL A 169 -13.84 2.93 -6.53
CA VAL A 169 -13.59 1.69 -7.29
C VAL A 169 -14.66 1.56 -8.38
N ALA A 170 -14.45 0.68 -9.35
CA ALA A 170 -15.40 0.49 -10.44
C ALA A 170 -16.39 -0.63 -10.16
N TYR A 171 -17.63 -0.41 -10.62
CA TYR A 171 -18.76 -1.32 -10.53
C TYR A 171 -19.47 -1.30 -11.88
N PRO A 172 -20.06 -2.42 -12.34
CA PRO A 172 -20.89 -2.35 -13.56
C PRO A 172 -22.25 -1.75 -13.22
N MET A 173 -23.11 -1.50 -14.23
CA MET A 173 -24.51 -1.01 -14.10
C MET A 173 -24.67 0.42 -13.51
N VAL A 174 -23.54 1.10 -13.19
CA VAL A 174 -23.55 2.48 -12.66
C VAL A 174 -22.51 3.40 -13.31
N ALA A 175 -22.24 3.24 -14.63
CA ALA A 175 -21.26 4.01 -15.39
C ALA A 175 -21.33 5.55 -15.19
N ALA A 176 -22.48 6.16 -15.49
CA ALA A 176 -22.75 7.60 -15.39
C ALA A 176 -22.67 8.11 -13.94
N TYR A 177 -23.21 7.32 -12.99
CA TYR A 177 -23.23 7.60 -11.56
C TYR A 177 -21.80 7.56 -11.01
N SER A 178 -21.02 6.52 -11.40
CA SER A 178 -19.61 6.36 -11.03
C SER A 178 -18.77 7.52 -11.51
N ALA A 179 -19.02 8.00 -12.73
CA ALA A 179 -18.28 9.10 -13.37
C ALA A 179 -18.35 10.39 -12.57
N SER A 180 -19.55 10.75 -12.10
CA SER A 180 -19.84 11.96 -11.33
C SER A 180 -19.31 11.88 -9.90
N LYS A 181 -19.24 10.67 -9.33
CA LYS A 181 -18.72 10.43 -7.98
C LYS A 181 -17.18 10.46 -8.01
N PHE A 182 -16.59 9.91 -9.07
CA PHE A 182 -15.15 9.96 -9.33
C PHE A 182 -14.77 11.43 -9.54
N ALA A 183 -15.53 12.19 -10.37
CA ALA A 183 -15.34 13.63 -10.61
C ALA A 183 -15.41 14.42 -9.29
N LEU A 184 -16.35 14.03 -8.38
CA LEU A 184 -16.45 14.65 -7.08
C LEU A 184 -15.13 14.56 -6.32
N ASP A 185 -14.43 13.38 -6.41
CA ASP A 185 -13.14 13.14 -5.77
C ASP A 185 -12.06 14.04 -6.35
N GLY A 186 -11.91 14.02 -7.67
CA GLY A 186 -10.93 14.82 -8.40
C GLY A 186 -11.05 16.30 -8.13
N PHE A 187 -12.28 16.83 -8.19
CA PHE A 187 -12.55 18.24 -7.97
C PHE A 187 -12.27 18.70 -6.54
N PHE A 188 -12.97 18.13 -5.58
CA PHE A 188 -12.88 18.53 -4.19
C PHE A 188 -11.54 18.19 -3.53
N SER A 189 -10.85 17.11 -3.98
CA SER A 189 -9.51 16.80 -3.44
C SER A 189 -8.51 17.84 -3.96
N SER A 190 -8.72 18.35 -5.19
CA SER A 190 -7.87 19.39 -5.78
C SER A 190 -8.02 20.74 -5.07
N ILE A 191 -9.27 21.20 -4.84
CA ILE A 191 -9.52 22.48 -4.16
C ILE A 191 -9.09 22.41 -2.67
N ARG A 192 -9.06 21.19 -2.06
CA ARG A 192 -8.59 21.01 -0.66
C ARG A 192 -7.09 21.37 -0.55
N LYS A 193 -6.29 20.97 -1.57
CA LYS A 193 -4.87 21.24 -1.66
C LYS A 193 -4.64 22.73 -1.88
N GLU A 194 -5.52 23.38 -2.69
CA GLU A 194 -5.49 24.81 -2.99
C GLU A 194 -5.82 25.61 -1.74
N TYR A 195 -6.80 25.16 -0.94
CA TYR A 195 -7.22 25.82 0.30
C TYR A 195 -6.12 25.73 1.36
N SER A 196 -5.35 24.63 1.36
CA SER A 196 -4.25 24.40 2.30
C SER A 196 -3.13 25.43 2.13
N VAL A 197 -2.74 25.71 0.88
CA VAL A 197 -1.69 26.65 0.50
C VAL A 197 -2.16 28.12 0.53
N SER A 198 -3.41 28.39 0.11
CA SER A 198 -3.96 29.75 0.11
C SER A 198 -4.61 30.08 1.47
N ARG A 199 -4.31 29.26 2.48
CA ARG A 199 -4.74 29.32 3.88
C ARG A 199 -6.23 29.68 4.06
N VAL A 200 -7.10 28.95 3.32
CA VAL A 200 -8.56 29.04 3.41
C VAL A 200 -8.91 27.95 4.43
N ASN A 201 -9.43 28.36 5.59
CA ASN A 201 -9.74 27.42 6.67
C ASN A 201 -11.15 26.81 6.52
N VAL A 202 -11.40 26.18 5.36
CA VAL A 202 -12.66 25.46 5.08
C VAL A 202 -12.31 23.99 4.83
N SER A 203 -12.78 23.07 5.69
CA SER A 203 -12.48 21.65 5.54
C SER A 203 -13.36 20.99 4.46
N ILE A 204 -12.85 19.92 3.84
CA ILE A 204 -13.58 19.17 2.82
C ILE A 204 -13.59 17.70 3.22
N THR A 205 -14.78 17.16 3.54
CA THR A 205 -14.96 15.75 3.92
C THR A 205 -15.63 14.98 2.78
N LEU A 206 -14.91 14.00 2.20
CA LEU A 206 -15.45 13.13 1.15
C LEU A 206 -15.88 11.85 1.86
N CYS A 207 -17.18 11.54 1.77
CA CYS A 207 -17.78 10.38 2.41
C CYS A 207 -17.98 9.25 1.43
N VAL A 208 -17.25 8.17 1.60
CA VAL A 208 -17.27 7.00 0.72
C VAL A 208 -18.15 5.95 1.35
N LEU A 209 -19.37 5.73 0.77
CA LEU A 209 -20.33 4.81 1.37
C LEU A 209 -20.64 3.57 0.57
N GLY A 210 -20.94 2.51 1.32
CA GLY A 210 -21.37 1.23 0.77
C GLY A 210 -22.88 1.21 0.64
N LEU A 211 -23.48 0.00 0.67
CA LEU A 211 -24.93 -0.15 0.57
C LEU A 211 -25.59 0.26 1.86
N ILE A 212 -26.51 1.20 1.75
CA ILE A 212 -27.28 1.75 2.87
C ILE A 212 -28.75 1.34 2.70
N ASP A 213 -29.44 1.01 3.81
CA ASP A 213 -30.82 0.52 3.79
C ASP A 213 -31.88 1.62 3.48
N THR A 214 -31.61 2.52 2.51
CA THR A 214 -32.58 3.54 2.12
C THR A 214 -33.55 2.89 1.16
N GLU A 215 -34.82 3.38 1.15
CA GLU A 215 -35.90 2.86 0.31
C GLU A 215 -35.54 2.75 -1.16
N THR A 216 -34.98 3.84 -1.73
CA THR A 216 -34.62 3.94 -3.14
C THR A 216 -33.51 2.93 -3.51
N ALA A 217 -32.46 2.82 -2.66
CA ALA A 217 -31.33 1.91 -2.86
C ALA A 217 -31.74 0.45 -2.79
N MET A 218 -32.59 0.10 -1.80
CA MET A 218 -33.10 -1.26 -1.57
C MET A 218 -33.97 -1.73 -2.71
N LYS A 219 -34.71 -0.81 -3.34
CA LYS A 219 -35.54 -1.10 -4.50
C LYS A 219 -34.66 -1.27 -5.74
N ALA A 220 -33.59 -0.43 -5.86
CA ALA A 220 -32.64 -0.45 -6.97
C ALA A 220 -31.82 -1.74 -7.08
N VAL A 221 -31.36 -2.30 -5.93
CA VAL A 221 -30.56 -3.53 -5.84
C VAL A 221 -31.39 -4.82 -5.83
N SER A 222 -32.71 -4.70 -5.57
CA SER A 222 -33.65 -5.82 -5.50
C SER A 222 -33.57 -6.75 -6.71
N GLY A 223 -33.13 -7.98 -6.48
CA GLY A 223 -32.96 -9.03 -7.49
C GLY A 223 -31.76 -8.91 -8.41
N ILE A 224 -30.99 -7.81 -8.27
CA ILE A 224 -29.80 -7.51 -9.05
C ILE A 224 -28.57 -7.84 -8.20
N VAL A 225 -28.52 -7.30 -6.99
CA VAL A 225 -27.42 -7.54 -6.07
C VAL A 225 -27.91 -7.56 -4.64
N HIS A 226 -27.66 -8.67 -3.99
CA HIS A 226 -27.96 -8.81 -2.58
C HIS A 226 -26.61 -9.01 -1.87
N MET A 227 -26.45 -8.27 -0.78
CA MET A 227 -25.32 -8.15 0.14
C MET A 227 -25.87 -7.45 1.37
N GLN A 228 -25.10 -7.36 2.45
CA GLN A 228 -25.52 -6.71 3.69
C GLN A 228 -25.67 -5.19 3.48
N ALA A 229 -26.80 -4.61 3.95
CA ALA A 229 -27.11 -3.18 3.86
C ALA A 229 -26.89 -2.57 5.22
N ALA A 230 -26.11 -1.48 5.29
CA ALA A 230 -25.80 -0.80 6.54
C ALA A 230 -26.96 0.13 6.96
N PRO A 231 -27.20 0.38 8.29
CA PRO A 231 -28.33 1.24 8.67
C PRO A 231 -28.09 2.72 8.36
N LYS A 232 -29.11 3.37 7.75
CA LYS A 232 -29.13 4.78 7.31
C LYS A 232 -28.96 5.78 8.45
N GLU A 233 -29.47 5.44 9.65
CA GLU A 233 -29.43 6.28 10.84
C GLU A 233 -27.98 6.49 11.27
N GLU A 234 -27.23 5.38 11.42
CA GLU A 234 -25.82 5.35 11.81
C GLU A 234 -24.96 6.00 10.72
N CYS A 235 -25.27 5.73 9.44
CA CYS A 235 -24.57 6.28 8.27
C CYS A 235 -24.55 7.80 8.32
N ALA A 236 -25.73 8.41 8.48
CA ALA A 236 -25.98 9.85 8.61
C ALA A 236 -25.17 10.47 9.72
N LEU A 237 -25.02 9.75 10.84
CA LEU A 237 -24.24 10.20 12.01
C LEU A 237 -22.73 10.18 11.71
N GLU A 238 -22.24 9.13 11.05
CA GLU A 238 -20.83 8.99 10.70
C GLU A 238 -20.33 10.08 9.76
N ILE A 239 -21.24 10.57 8.89
CA ILE A 239 -21.01 11.66 7.95
C ILE A 239 -20.85 12.96 8.73
N ILE A 240 -21.83 13.25 9.63
CA ILE A 240 -21.85 14.43 10.50
C ILE A 240 -20.60 14.44 11.37
N LYS A 241 -20.25 13.28 11.98
CA LYS A 241 -19.07 13.13 12.83
C LYS A 241 -17.81 13.50 12.05
N GLY A 242 -17.72 12.98 10.83
CA GLY A 242 -16.58 13.22 9.93
C GLY A 242 -16.35 14.68 9.64
N GLY A 243 -17.45 15.35 9.26
CA GLY A 243 -17.52 16.77 8.94
C GLY A 243 -17.13 17.65 10.10
N ALA A 244 -17.67 17.36 11.30
CA ALA A 244 -17.39 18.07 12.55
C ALA A 244 -15.93 17.90 12.97
N LEU A 245 -15.36 16.70 12.79
CA LEU A 245 -13.95 16.39 13.11
C LEU A 245 -13.01 16.89 12.03
N ARG A 246 -13.55 17.52 10.97
CA ARG A 246 -12.84 18.11 9.81
C ARG A 246 -11.94 17.07 9.09
N GLN A 247 -12.38 15.80 9.10
CA GLN A 247 -11.68 14.66 8.48
C GLN A 247 -11.74 14.81 6.97
N GLU A 248 -10.64 14.46 6.29
CA GLU A 248 -10.54 14.56 4.83
C GLU A 248 -11.48 13.58 4.15
N GLU A 249 -11.55 12.35 4.67
CA GLU A 249 -12.36 11.28 4.15
C GLU A 249 -12.99 10.43 5.24
N VAL A 250 -14.24 10.02 5.00
CA VAL A 250 -15.04 9.17 5.88
C VAL A 250 -15.39 7.92 5.10
N TYR A 251 -15.16 6.74 5.70
CA TYR A 251 -15.49 5.46 5.09
C TYR A 251 -16.58 4.76 5.89
N TYR A 252 -17.68 4.40 5.21
CA TYR A 252 -18.78 3.71 5.88
C TYR A 252 -19.35 2.59 5.02
N ASP A 253 -19.16 1.32 5.47
CA ASP A 253 -19.67 0.10 4.81
C ASP A 253 -19.85 -1.04 5.83
N SER A 254 -20.70 -2.04 5.50
CA SER A 254 -20.98 -3.21 6.34
C SER A 254 -19.77 -4.16 6.43
N SER A 255 -19.26 -4.61 5.27
CA SER A 255 -18.15 -5.56 5.12
C SER A 255 -16.83 -5.07 5.75
N ARG A 256 -16.18 -5.97 6.52
CA ARG A 256 -14.89 -5.75 7.18
C ARG A 256 -13.77 -5.60 6.12
N TRP A 257 -13.93 -6.30 4.98
CA TRP A 257 -13.03 -6.35 3.84
C TRP A 257 -13.07 -5.08 3.02
N THR A 258 -14.17 -4.33 3.11
CA THR A 258 -14.27 -3.07 2.40
C THR A 258 -13.44 -2.01 3.09
N THR A 259 -13.62 -1.82 4.43
CA THR A 259 -12.87 -0.83 5.24
C THR A 259 -11.34 -1.03 5.10
N LEU A 260 -10.92 -2.31 5.03
CA LEU A 260 -9.54 -2.74 4.90
C LEU A 260 -8.89 -2.35 3.57
N LEU A 261 -9.59 -2.64 2.45
CA LEU A 261 -9.09 -2.45 1.09
C LEU A 261 -9.46 -1.12 0.40
N ILE A 262 -10.44 -0.37 0.93
CA ILE A 262 -10.91 0.87 0.28
C ILE A 262 -9.88 2.00 0.30
N ARG A 263 -9.10 2.11 1.37
CA ARG A 263 -8.09 3.14 1.52
C ARG A 263 -6.95 2.96 0.51
N ASN A 264 -6.43 4.08 0.00
CA ASN A 264 -5.31 4.09 -0.91
C ASN A 264 -4.13 4.82 -0.22
N PRO A 265 -3.28 4.07 0.52
CA PRO A 265 -2.13 4.71 1.20
C PRO A 265 -1.10 5.33 0.24
N CYS A 266 -0.88 4.67 -0.91
CA CYS A 266 0.04 5.07 -1.95
C CYS A 266 -0.37 6.35 -2.64
N ARG A 267 -1.67 6.68 -2.69
CA ARG A 267 -2.16 7.92 -3.29
C ARG A 267 -1.65 9.12 -2.48
N LYS A 268 -1.82 9.08 -1.16
CA LYS A 268 -1.38 10.16 -0.26
C LYS A 268 0.13 10.37 -0.28
N ILE A 269 0.89 9.25 -0.38
CA ILE A 269 2.34 9.26 -0.49
C ILE A 269 2.73 9.94 -1.79
N LEU A 270 2.13 9.53 -2.93
CA LEU A 270 2.39 10.14 -4.23
C LEU A 270 2.08 11.62 -4.26
N GLU A 271 0.94 12.04 -3.67
CA GLU A 271 0.52 13.45 -3.58
C GLU A 271 1.55 14.30 -2.79
N GLU A 272 2.11 13.72 -1.72
CA GLU A 272 3.09 14.36 -0.86
C GLU A 272 4.41 14.59 -1.61
N LEU A 273 4.86 13.60 -2.40
CA LEU A 273 6.10 13.69 -3.18
C LEU A 273 6.02 14.73 -4.30
N TYR A 274 4.84 14.92 -4.92
CA TYR A 274 4.61 15.88 -5.99
C TYR A 274 4.49 17.31 -5.45
N SER A 275 4.03 17.48 -4.18
CA SER A 275 3.84 18.79 -3.54
C SER A 275 5.13 19.63 -3.45
N THR A 276 6.29 18.98 -3.58
CA THR A 276 7.61 19.60 -3.53
C THR A 276 8.02 20.20 -4.89
N SER A 277 7.42 19.71 -5.97
CA SER A 277 7.70 20.15 -7.34
C SER A 277 6.94 21.42 -7.76
N TYR A 278 6.07 21.98 -6.90
CA TYR A 278 5.36 23.20 -7.27
C TYR A 278 5.44 24.30 -6.22
N ASN A 279 5.42 25.53 -6.74
CA ASN A 279 5.39 26.77 -6.01
C ASN A 279 3.95 27.27 -6.07
N MET A 280 3.40 27.68 -4.92
CA MET A 280 2.01 28.12 -4.86
C MET A 280 1.82 29.57 -4.36
N ASP A 281 2.90 30.39 -4.43
CA ASP A 281 2.87 31.81 -4.02
C ASP A 281 2.76 32.78 -5.20
N GLU B 19 1.84 -11.39 -25.19
CA GLU B 19 2.05 -10.31 -24.22
C GLU B 19 3.14 -9.29 -24.64
N GLU B 20 4.04 -9.67 -25.59
CA GLU B 20 5.13 -8.82 -26.10
C GLU B 20 4.72 -8.09 -27.38
N PHE B 21 4.96 -6.76 -27.43
CA PHE B 21 4.57 -5.91 -28.56
C PHE B 21 5.45 -6.05 -29.80
N ARG B 22 4.84 -5.85 -30.98
CA ARG B 22 5.47 -5.84 -32.30
C ARG B 22 4.79 -4.75 -33.15
N PRO B 23 5.53 -3.93 -33.95
CA PRO B 23 4.88 -2.89 -34.77
C PRO B 23 3.92 -3.43 -35.83
N GLU B 24 4.11 -4.72 -36.21
CA GLU B 24 3.30 -5.47 -37.20
C GLU B 24 1.87 -5.71 -36.69
N MET B 25 1.66 -5.56 -35.36
CA MET B 25 0.35 -5.69 -34.71
C MET B 25 -0.61 -4.60 -35.18
N LEU B 26 -0.06 -3.41 -35.52
CA LEU B 26 -0.81 -2.25 -35.99
C LEU B 26 -0.90 -2.15 -37.51
N GLN B 27 -0.22 -3.05 -38.26
CA GLN B 27 -0.23 -3.10 -39.72
C GLN B 27 -1.63 -3.44 -40.25
N GLY B 28 -2.14 -2.55 -41.10
CA GLY B 28 -3.46 -2.66 -41.72
C GLY B 28 -4.64 -2.41 -40.79
N LYS B 29 -4.37 -1.93 -39.55
CA LYS B 29 -5.41 -1.63 -38.56
C LYS B 29 -6.01 -0.26 -38.82
N LYS B 30 -7.34 -0.15 -38.67
CA LYS B 30 -8.12 1.06 -38.89
C LYS B 30 -8.23 1.83 -37.57
N VAL B 31 -7.46 2.93 -37.43
CA VAL B 31 -7.33 3.72 -36.18
C VAL B 31 -7.78 5.20 -36.29
N ILE B 32 -8.53 5.67 -35.27
CA ILE B 32 -8.95 7.06 -35.07
C ILE B 32 -8.04 7.67 -33.97
N VAL B 33 -7.52 8.88 -34.21
CA VAL B 33 -6.71 9.61 -33.23
C VAL B 33 -7.33 11.01 -33.13
N THR B 34 -7.91 11.33 -31.95
CA THR B 34 -8.49 12.65 -31.68
C THR B 34 -7.39 13.51 -31.11
N GLY B 35 -7.53 14.83 -31.26
CA GLY B 35 -6.53 15.80 -30.82
C GLY B 35 -5.16 15.43 -31.36
N ALA B 36 -5.10 15.15 -32.66
CA ALA B 36 -3.91 14.68 -33.37
C ALA B 36 -3.18 15.73 -34.23
N SER B 37 -3.53 17.03 -34.06
CA SER B 37 -2.86 18.10 -34.81
C SER B 37 -1.51 18.48 -34.15
N LYS B 38 -1.36 18.20 -32.84
CA LYS B 38 -0.13 18.47 -32.09
C LYS B 38 0.06 17.50 -30.93
N GLY B 39 1.15 17.72 -30.19
CA GLY B 39 1.52 17.00 -28.99
C GLY B 39 1.61 15.50 -29.13
N ILE B 40 1.05 14.79 -28.14
CA ILE B 40 1.03 13.32 -28.06
C ILE B 40 0.19 12.69 -29.19
N GLY B 41 -0.96 13.30 -29.50
CA GLY B 41 -1.86 12.85 -30.56
C GLY B 41 -1.21 12.74 -31.92
N ARG B 42 -0.44 13.79 -32.30
CA ARG B 42 0.31 13.84 -33.56
C ARG B 42 1.41 12.77 -33.58
N GLU B 43 2.12 12.61 -32.44
CA GLU B 43 3.19 11.63 -32.25
C GLU B 43 2.67 10.19 -32.42
N MET B 44 1.43 9.95 -31.96
CA MET B 44 0.72 8.66 -32.11
C MET B 44 0.38 8.40 -33.57
N ALA B 45 -0.13 9.43 -34.29
CA ALA B 45 -0.45 9.35 -35.72
C ALA B 45 0.80 8.91 -36.50
N TYR B 46 1.96 9.52 -36.19
CA TYR B 46 3.28 9.28 -36.78
C TYR B 46 3.78 7.85 -36.53
N HIS B 47 3.59 7.33 -35.30
CA HIS B 47 3.98 5.96 -34.94
C HIS B 47 3.11 4.95 -35.68
N LEU B 48 1.79 5.24 -35.79
CA LEU B 48 0.81 4.39 -36.47
C LEU B 48 1.07 4.31 -37.97
N ALA B 49 1.50 5.45 -38.56
CA ALA B 49 1.85 5.59 -39.96
C ALA B 49 3.02 4.66 -40.29
N LYS B 50 4.11 4.73 -39.51
CA LYS B 50 5.32 3.91 -39.64
C LYS B 50 5.01 2.41 -39.57
N MET B 51 4.01 2.04 -38.74
CA MET B 51 3.54 0.67 -38.55
C MET B 51 2.63 0.15 -39.67
N GLY B 52 2.29 1.03 -40.62
CA GLY B 52 1.46 0.70 -41.76
C GLY B 52 -0.01 0.52 -41.44
N ALA B 53 -0.53 1.38 -40.57
CA ALA B 53 -1.95 1.39 -40.18
C ALA B 53 -2.72 2.43 -41.00
N HIS B 54 -4.05 2.28 -41.01
CA HIS B 54 -5.01 3.20 -41.61
C HIS B 54 -5.32 4.23 -40.53
N VAL B 55 -5.18 5.53 -40.84
CA VAL B 55 -5.43 6.58 -39.83
C VAL B 55 -6.42 7.65 -40.30
N VAL B 56 -7.26 8.15 -39.38
CA VAL B 56 -8.20 9.26 -39.56
C VAL B 56 -8.03 10.15 -38.34
N VAL B 57 -7.37 11.30 -38.54
CA VAL B 57 -7.03 12.25 -37.49
C VAL B 57 -8.03 13.41 -37.40
N THR B 58 -8.22 13.94 -36.18
CA THR B 58 -9.14 15.06 -35.91
C THR B 58 -8.55 16.05 -34.90
N ALA B 59 -9.06 17.28 -34.93
CA ALA B 59 -8.76 18.46 -34.10
C ALA B 59 -9.59 19.57 -34.75
N ARG B 60 -9.45 20.81 -34.30
CA ARG B 60 -10.19 21.91 -34.91
C ARG B 60 -9.50 22.48 -36.17
N SER B 61 -8.14 22.68 -36.13
CA SER B 61 -7.36 23.28 -37.22
C SER B 61 -7.09 22.36 -38.41
N LYS B 62 -7.68 22.75 -39.57
CA LYS B 62 -7.62 22.09 -40.88
C LYS B 62 -6.18 22.01 -41.41
N GLU B 63 -5.45 23.14 -41.32
CA GLU B 63 -4.06 23.33 -41.78
C GLU B 63 -3.08 22.43 -41.04
N THR B 64 -3.25 22.35 -39.70
CA THR B 64 -2.40 21.53 -38.85
C THR B 64 -2.64 20.04 -39.14
N LEU B 65 -3.91 19.64 -39.37
CA LEU B 65 -4.28 18.26 -39.68
C LEU B 65 -3.81 17.82 -41.07
N GLN B 66 -3.79 18.77 -42.04
CA GLN B 66 -3.31 18.55 -43.42
C GLN B 66 -1.83 18.12 -43.39
N LYS B 67 -1.02 18.82 -42.56
CA LYS B 67 0.41 18.58 -42.36
C LYS B 67 0.69 17.20 -41.75
N VAL B 68 -0.20 16.70 -40.84
CA VAL B 68 -0.09 15.39 -40.18
C VAL B 68 -0.38 14.24 -41.18
N VAL B 69 -1.43 14.41 -42.03
CA VAL B 69 -1.86 13.44 -43.06
C VAL B 69 -0.76 13.25 -44.11
N SER B 70 -0.19 14.38 -44.58
CA SER B 70 0.90 14.43 -45.56
C SER B 70 2.09 13.64 -45.04
N HIS B 71 2.54 13.94 -43.79
CA HIS B 71 3.66 13.25 -43.17
C HIS B 71 3.35 11.79 -42.82
N CYS B 72 2.06 11.49 -42.53
CA CYS B 72 1.61 10.13 -42.23
C CYS B 72 1.73 9.22 -43.46
N LEU B 73 1.42 9.75 -44.65
CA LEU B 73 1.53 9.03 -45.91
C LEU B 73 3.01 8.76 -46.24
N GLU B 74 3.87 9.78 -45.98
CA GLU B 74 5.32 9.75 -46.17
C GLU B 74 5.97 8.67 -45.30
N LEU B 75 5.48 8.51 -44.04
CA LEU B 75 6.02 7.54 -43.08
C LEU B 75 5.63 6.09 -43.41
N GLY B 76 4.64 5.93 -44.29
CA GLY B 76 4.19 4.61 -44.74
C GLY B 76 2.84 4.14 -44.25
N ALA B 77 1.90 5.07 -43.98
CA ALA B 77 0.55 4.72 -43.54
C ALA B 77 -0.18 4.05 -44.70
N ALA B 78 -1.01 3.04 -44.38
CA ALA B 78 -1.81 2.32 -45.37
C ALA B 78 -2.82 3.27 -46.05
N SER B 79 -3.29 4.28 -45.30
CA SER B 79 -4.19 5.37 -45.69
C SER B 79 -4.20 6.43 -44.60
N ALA B 80 -4.30 7.72 -44.98
CA ALA B 80 -4.34 8.84 -44.03
C ALA B 80 -5.36 9.88 -44.47
N HIS B 81 -6.27 10.26 -43.54
CA HIS B 81 -7.36 11.23 -43.78
C HIS B 81 -7.55 12.12 -42.54
N TYR B 82 -8.26 13.25 -42.69
CA TYR B 82 -8.58 14.15 -41.58
C TYR B 82 -10.01 14.69 -41.70
N ILE B 83 -10.64 14.99 -40.56
CA ILE B 83 -11.96 15.60 -40.48
C ILE B 83 -11.85 16.64 -39.37
N ALA B 84 -11.77 17.93 -39.74
CA ALA B 84 -11.65 19.02 -38.76
C ALA B 84 -13.00 19.39 -38.13
N GLY B 85 -12.96 19.74 -36.84
CA GLY B 85 -14.13 20.14 -36.07
C GLY B 85 -13.91 20.14 -34.57
N THR B 86 -14.78 20.89 -33.86
CA THR B 86 -14.75 21.00 -32.40
C THR B 86 -15.46 19.82 -31.72
N MET B 87 -14.88 19.35 -30.61
CA MET B 87 -15.43 18.29 -29.79
C MET B 87 -16.38 18.82 -28.70
N GLU B 88 -16.70 20.13 -28.80
CA GLU B 88 -17.68 20.83 -27.97
C GLU B 88 -19.05 20.47 -28.56
N ASP B 89 -19.07 20.14 -29.88
CA ASP B 89 -20.24 19.78 -30.67
C ASP B 89 -20.39 18.27 -30.69
N MET B 90 -21.37 17.78 -29.90
CA MET B 90 -21.70 16.36 -29.75
C MET B 90 -22.25 15.76 -31.04
N THR B 91 -22.85 16.61 -31.91
CA THR B 91 -23.34 16.21 -33.23
C THR B 91 -22.13 15.93 -34.13
N PHE B 92 -21.09 16.82 -34.08
CA PHE B 92 -19.85 16.61 -34.83
C PHE B 92 -19.16 15.33 -34.39
N ALA B 93 -18.98 15.16 -33.05
CA ALA B 93 -18.35 14.00 -32.42
C ALA B 93 -18.97 12.67 -32.92
N GLU B 94 -20.32 12.62 -32.98
CA GLU B 94 -21.10 11.47 -33.43
C GLU B 94 -20.94 11.19 -34.94
N GLN B 95 -21.00 12.24 -35.75
CA GLN B 95 -20.90 12.14 -37.22
C GLN B 95 -19.49 11.83 -37.68
N PHE B 96 -18.48 12.37 -36.96
CA PHE B 96 -17.06 12.15 -37.27
C PHE B 96 -16.71 10.66 -37.30
N VAL B 97 -17.27 9.87 -36.34
CA VAL B 97 -17.04 8.41 -36.21
C VAL B 97 -17.67 7.62 -37.37
N ALA B 98 -18.91 7.99 -37.80
CA ALA B 98 -19.59 7.34 -38.93
C ALA B 98 -18.83 7.63 -40.25
N GLN B 99 -18.27 8.86 -40.38
CA GLN B 99 -17.46 9.33 -41.52
C GLN B 99 -16.09 8.66 -41.60
N ALA B 100 -15.41 8.53 -40.45
CA ALA B 100 -14.07 7.93 -40.34
C ALA B 100 -14.07 6.42 -40.60
N GLY B 101 -15.11 5.73 -40.18
CA GLY B 101 -15.26 4.29 -40.41
C GLY B 101 -15.60 4.01 -41.87
N LYS B 102 -16.29 4.97 -42.51
CA LYS B 102 -16.64 4.90 -43.93
C LYS B 102 -15.39 5.04 -44.80
N LEU B 103 -14.47 5.93 -44.42
CA LEU B 103 -13.19 6.19 -45.10
C LEU B 103 -12.25 5.00 -45.02
N MET B 104 -12.28 4.25 -43.91
CA MET B 104 -11.39 3.12 -43.65
C MET B 104 -11.98 1.74 -43.89
N GLY B 105 -13.31 1.68 -43.99
CA GLY B 105 -14.02 0.43 -44.18
C GLY B 105 -14.15 -0.34 -42.87
N GLY B 106 -14.27 0.43 -41.79
CA GLY B 106 -14.41 -0.09 -40.43
C GLY B 106 -13.52 0.63 -39.43
N LEU B 107 -13.37 0.04 -38.24
CA LEU B 107 -12.57 0.58 -37.13
C LEU B 107 -12.12 -0.53 -36.20
N ASP B 108 -10.80 -0.52 -35.88
CA ASP B 108 -10.14 -1.46 -34.97
C ASP B 108 -9.73 -0.77 -33.67
N MET B 109 -9.35 0.53 -33.73
CA MET B 109 -8.89 1.26 -32.54
C MET B 109 -9.39 2.70 -32.49
N LEU B 110 -9.95 3.11 -31.35
CA LEU B 110 -10.43 4.46 -31.11
C LEU B 110 -9.56 5.08 -30.03
N ILE B 111 -8.69 6.05 -30.43
CA ILE B 111 -7.80 6.74 -29.50
C ILE B 111 -8.39 8.11 -29.19
N LEU B 112 -8.86 8.25 -27.94
CA LEU B 112 -9.51 9.43 -27.36
C LEU B 112 -8.43 10.19 -26.57
N ASN B 113 -7.97 11.30 -27.15
CA ASN B 113 -6.82 12.06 -26.67
C ASN B 113 -7.09 13.55 -26.48
N HIS B 114 -7.98 14.17 -27.29
CA HIS B 114 -8.28 15.61 -27.19
C HIS B 114 -8.71 16.09 -25.81
N ILE B 115 -8.41 17.36 -25.52
CA ILE B 115 -8.80 18.06 -24.29
C ILE B 115 -9.07 19.53 -24.58
N THR B 116 -9.88 20.16 -23.70
CA THR B 116 -10.13 21.59 -23.81
C THR B 116 -8.89 22.29 -23.29
N ASN B 117 -8.51 23.43 -23.90
CA ASN B 117 -7.34 24.21 -23.50
C ASN B 117 -7.49 24.60 -22.03
N THR B 118 -6.49 24.24 -21.21
CA THR B 118 -6.52 24.48 -19.77
C THR B 118 -5.20 25.01 -19.25
N SER B 119 -5.28 26.01 -18.36
CA SER B 119 -4.12 26.64 -17.73
C SER B 119 -4.09 26.26 -16.24
N LEU B 120 -2.91 26.35 -15.61
CA LEU B 120 -2.75 26.07 -14.18
C LEU B 120 -3.22 27.30 -13.40
N ASN B 121 -4.35 27.15 -12.69
CA ASN B 121 -4.97 28.24 -11.93
C ASN B 121 -5.75 27.72 -10.74
N LEU B 122 -5.83 28.52 -9.66
CA LEU B 122 -6.64 28.17 -8.51
C LEU B 122 -8.11 28.35 -8.91
N PHE B 123 -8.98 27.50 -8.36
CA PHE B 123 -10.40 27.60 -8.64
C PHE B 123 -11.04 28.68 -7.77
N HIS B 124 -11.85 29.54 -8.40
CA HIS B 124 -12.57 30.59 -7.70
C HIS B 124 -14.06 30.57 -8.03
N ASP B 125 -14.40 30.77 -9.34
CA ASP B 125 -15.80 30.82 -9.77
C ASP B 125 -16.05 30.46 -11.24
N ASP B 126 -15.02 29.99 -11.97
CA ASP B 126 -15.16 29.67 -13.39
C ASP B 126 -15.92 28.35 -13.63
N ILE B 127 -17.26 28.41 -13.51
CA ILE B 127 -18.15 27.27 -13.72
C ILE B 127 -18.22 26.90 -15.21
N HIS B 128 -18.02 27.90 -16.09
CA HIS B 128 -18.00 27.73 -17.54
C HIS B 128 -16.85 26.79 -17.91
N HIS B 129 -15.66 26.98 -17.27
CA HIS B 129 -14.49 26.13 -17.48
C HIS B 129 -14.68 24.72 -16.87
N VAL B 130 -15.43 24.61 -15.75
CA VAL B 130 -15.73 23.31 -15.14
C VAL B 130 -16.65 22.52 -16.10
N ARG B 131 -17.72 23.16 -16.60
CA ARG B 131 -18.67 22.57 -17.56
C ARG B 131 -18.02 22.22 -18.89
N LYS B 132 -17.21 23.12 -19.45
CA LYS B 132 -16.52 22.89 -20.73
C LYS B 132 -15.52 21.74 -20.64
N SER B 133 -14.80 21.63 -19.48
CA SER B 133 -13.85 20.52 -19.23
C SER B 133 -14.61 19.21 -19.21
N MET B 134 -15.76 19.16 -18.52
CA MET B 134 -16.59 17.96 -18.47
C MET B 134 -17.12 17.58 -19.86
N GLU B 135 -17.57 18.58 -20.64
CA GLU B 135 -18.12 18.36 -21.97
C GLU B 135 -17.08 17.85 -22.98
N VAL B 136 -15.94 18.55 -23.10
CA VAL B 136 -14.88 18.21 -24.05
C VAL B 136 -14.02 17.04 -23.56
N ASN B 137 -13.50 17.09 -22.32
CA ASN B 137 -12.60 16.03 -21.87
C ASN B 137 -13.32 14.72 -21.49
N PHE B 138 -14.62 14.79 -21.17
CA PHE B 138 -15.31 13.58 -20.74
C PHE B 138 -16.55 13.20 -21.60
N LEU B 139 -17.52 14.11 -21.76
CA LEU B 139 -18.78 13.77 -22.45
C LEU B 139 -18.61 13.43 -23.92
N SER B 140 -17.73 14.15 -24.65
CA SER B 140 -17.45 13.85 -26.06
C SER B 140 -16.84 12.45 -26.21
N TYR B 141 -16.06 12.00 -25.22
CA TYR B 141 -15.45 10.68 -25.20
C TYR B 141 -16.51 9.59 -25.16
N VAL B 142 -17.58 9.83 -24.37
CA VAL B 142 -18.75 8.95 -24.22
C VAL B 142 -19.51 8.92 -25.57
N VAL B 143 -19.78 10.10 -26.16
CA VAL B 143 -20.47 10.28 -27.46
C VAL B 143 -19.71 9.54 -28.58
N LEU B 144 -18.36 9.69 -28.62
CA LEU B 144 -17.47 9.05 -29.57
C LEU B 144 -17.47 7.53 -29.40
N THR B 145 -17.53 7.04 -28.15
CA THR B 145 -17.60 5.61 -27.81
C THR B 145 -18.92 4.97 -28.30
N VAL B 146 -20.08 5.62 -28.02
CA VAL B 146 -21.42 5.17 -28.41
C VAL B 146 -21.49 4.99 -29.94
N ALA B 147 -20.93 5.97 -30.69
CA ALA B 147 -20.87 5.96 -32.15
C ALA B 147 -19.92 4.89 -32.72
N ALA B 148 -18.78 4.65 -32.03
CA ALA B 148 -17.74 3.71 -32.46
C ALA B 148 -17.97 2.24 -32.07
N LEU B 149 -18.78 1.98 -31.02
CA LEU B 149 -19.01 0.63 -30.50
C LEU B 149 -19.53 -0.41 -31.55
N PRO B 150 -20.55 -0.12 -32.42
CA PRO B 150 -20.95 -1.14 -33.41
C PRO B 150 -19.80 -1.66 -34.28
N MET B 151 -18.94 -0.74 -34.80
CA MET B 151 -17.76 -1.09 -35.61
C MET B 151 -16.70 -1.87 -34.82
N LEU B 152 -16.43 -1.46 -33.56
CA LEU B 152 -15.46 -2.11 -32.68
C LEU B 152 -15.92 -3.49 -32.22
N LYS B 153 -17.25 -3.69 -32.09
CA LYS B 153 -17.86 -4.98 -31.71
C LYS B 153 -17.61 -5.99 -32.83
N GLN B 154 -17.75 -5.52 -34.08
CA GLN B 154 -17.55 -6.28 -35.32
C GLN B 154 -16.09 -6.73 -35.46
N SER B 155 -15.13 -5.83 -35.18
CA SER B 155 -13.69 -6.08 -35.30
C SER B 155 -13.03 -6.62 -34.04
N ASN B 156 -13.78 -6.70 -32.91
CA ASN B 156 -13.26 -7.08 -31.59
C ASN B 156 -12.09 -6.12 -31.27
N GLY B 157 -12.37 -4.82 -31.46
CA GLY B 157 -11.43 -3.72 -31.35
C GLY B 157 -11.07 -3.20 -29.97
N SER B 158 -10.46 -2.00 -29.95
CA SER B 158 -9.92 -1.34 -28.76
C SER B 158 -10.33 0.12 -28.62
N ILE B 159 -10.58 0.55 -27.37
CA ILE B 159 -10.83 1.95 -27.02
C ILE B 159 -9.61 2.33 -26.15
N VAL B 160 -8.95 3.44 -26.48
CA VAL B 160 -7.77 3.96 -25.78
C VAL B 160 -8.12 5.35 -25.27
N VAL B 161 -8.15 5.50 -23.94
CA VAL B 161 -8.53 6.71 -23.23
C VAL B 161 -7.29 7.40 -22.62
N VAL B 162 -6.88 8.53 -23.19
CA VAL B 162 -5.72 9.25 -22.69
C VAL B 162 -6.11 10.13 -21.49
N SER B 163 -5.53 9.81 -20.34
CA SER B 163 -5.77 10.47 -19.06
C SER B 163 -4.45 11.05 -18.50
N SER B 164 -4.42 11.39 -17.21
CA SER B 164 -3.32 12.01 -16.53
C SER B 164 -3.17 11.41 -15.14
N LEU B 165 -2.04 11.72 -14.44
CA LEU B 165 -1.81 11.34 -13.05
C LEU B 165 -2.86 12.10 -12.20
N ALA B 166 -3.24 13.31 -12.67
CA ALA B 166 -4.26 14.18 -12.10
C ALA B 166 -5.68 13.55 -12.24
N GLY B 167 -5.73 12.40 -12.91
CA GLY B 167 -6.90 11.56 -13.09
C GLY B 167 -6.85 10.31 -12.23
N LYS B 168 -5.87 10.25 -11.28
CA LYS B 168 -5.65 9.14 -10.32
C LYS B 168 -5.34 9.65 -8.89
N VAL B 169 -4.59 10.75 -8.81
CA VAL B 169 -4.23 11.43 -7.57
C VAL B 169 -4.62 12.90 -7.64
N ALA B 170 -4.63 13.60 -6.50
CA ALA B 170 -5.01 15.01 -6.44
C ALA B 170 -3.84 15.99 -6.59
N TYR B 171 -4.09 17.09 -7.32
CA TYR B 171 -3.13 18.16 -7.57
C TYR B 171 -3.87 19.46 -7.42
N PRO B 172 -3.21 20.54 -6.94
CA PRO B 172 -3.89 21.85 -6.94
C PRO B 172 -3.80 22.46 -8.33
N MET B 173 -4.51 23.59 -8.57
CA MET B 173 -4.48 24.37 -9.82
C MET B 173 -5.10 23.69 -11.06
N VAL B 174 -5.71 22.50 -10.91
CA VAL B 174 -6.35 21.79 -12.03
C VAL B 174 -7.76 21.22 -11.68
N ALA B 175 -8.42 21.72 -10.62
CA ALA B 175 -9.71 21.23 -10.13
C ALA B 175 -10.68 20.71 -11.21
N ALA B 176 -10.99 21.54 -12.23
CA ALA B 176 -11.92 21.23 -13.34
C ALA B 176 -11.39 20.15 -14.24
N TYR B 177 -10.08 20.21 -14.53
CA TYR B 177 -9.36 19.24 -15.36
C TYR B 177 -9.32 17.86 -14.69
N SER B 178 -8.91 17.83 -13.39
CA SER B 178 -8.87 16.64 -12.53
C SER B 178 -10.25 15.98 -12.48
N ALA B 179 -11.33 16.77 -12.36
CA ALA B 179 -12.72 16.28 -12.31
C ALA B 179 -13.06 15.48 -13.54
N SER B 180 -12.77 16.02 -14.73
CA SER B 180 -13.06 15.38 -16.02
C SER B 180 -12.19 14.16 -16.26
N LYS B 181 -10.96 14.17 -15.72
CA LYS B 181 -10.02 13.06 -15.85
C LYS B 181 -10.41 11.92 -14.90
N PHE B 182 -10.84 12.26 -13.65
CA PHE B 182 -11.35 11.28 -12.70
C PHE B 182 -12.61 10.60 -13.22
N ALA B 183 -13.51 11.38 -13.89
CA ALA B 183 -14.78 10.97 -14.53
C ALA B 183 -14.56 9.91 -15.56
N LEU B 184 -13.53 10.07 -16.41
CA LEU B 184 -13.15 9.07 -17.43
C LEU B 184 -12.89 7.72 -16.81
N ASP B 185 -12.13 7.67 -15.70
CA ASP B 185 -11.80 6.45 -14.97
C ASP B 185 -13.10 5.77 -14.47
N GLY B 186 -13.97 6.53 -13.82
CA GLY B 186 -15.23 6.02 -13.31
C GLY B 186 -16.11 5.40 -14.36
N PHE B 187 -16.32 6.13 -15.44
CA PHE B 187 -17.14 5.72 -16.58
C PHE B 187 -16.58 4.52 -17.32
N PHE B 188 -15.36 4.64 -17.88
CA PHE B 188 -14.75 3.60 -18.70
C PHE B 188 -14.36 2.34 -17.93
N SER B 189 -14.05 2.45 -16.63
CA SER B 189 -13.75 1.27 -15.83
C SER B 189 -15.06 0.52 -15.55
N SER B 190 -16.18 1.25 -15.45
CA SER B 190 -17.50 0.64 -15.23
C SER B 190 -17.98 -0.12 -16.47
N ILE B 191 -17.91 0.50 -17.67
CA ILE B 191 -18.33 -0.15 -18.92
C ILE B 191 -17.39 -1.33 -19.28
N ARG B 192 -16.13 -1.34 -18.80
CA ARG B 192 -15.20 -2.45 -19.02
C ARG B 192 -15.71 -3.73 -18.32
N LYS B 193 -16.26 -3.56 -17.10
CA LYS B 193 -16.83 -4.63 -16.29
C LYS B 193 -18.12 -5.15 -16.94
N GLU B 194 -18.90 -4.22 -17.53
CA GLU B 194 -20.16 -4.53 -18.24
C GLU B 194 -19.86 -5.33 -19.50
N TYR B 195 -18.79 -4.95 -20.25
CA TYR B 195 -18.36 -5.64 -21.46
C TYR B 195 -17.85 -7.05 -21.16
N SER B 196 -17.22 -7.24 -19.99
CA SER B 196 -16.69 -8.53 -19.54
C SER B 196 -17.82 -9.57 -19.34
N VAL B 197 -18.92 -9.17 -18.69
CA VAL B 197 -20.07 -10.01 -18.39
C VAL B 197 -21.01 -10.17 -19.58
N SER B 198 -21.20 -9.10 -20.40
CA SER B 198 -22.08 -9.15 -21.57
C SER B 198 -21.31 -9.62 -22.82
N ARG B 199 -20.10 -10.19 -22.59
CA ARG B 199 -19.16 -10.77 -23.54
C ARG B 199 -18.97 -9.90 -24.81
N VAL B 200 -18.72 -8.59 -24.61
CA VAL B 200 -18.40 -7.62 -25.66
C VAL B 200 -16.87 -7.64 -25.70
N ASN B 201 -16.29 -8.10 -26.81
CA ASN B 201 -14.83 -8.23 -26.93
C ASN B 201 -14.16 -6.93 -27.41
N VAL B 202 -14.38 -5.83 -26.67
CA VAL B 202 -13.80 -4.51 -26.92
C VAL B 202 -12.96 -4.14 -25.69
N SER B 203 -11.63 -3.99 -25.85
CA SER B 203 -10.74 -3.64 -24.75
C SER B 203 -10.80 -2.12 -24.45
N ILE B 204 -10.54 -1.73 -23.20
CA ILE B 204 -10.50 -0.33 -22.79
C ILE B 204 -9.15 -0.10 -22.08
N THR B 205 -8.31 0.78 -22.67
CA THR B 205 -6.99 1.13 -22.13
C THR B 205 -7.03 2.54 -21.56
N LEU B 206 -6.84 2.71 -20.24
CA LEU B 206 -6.77 4.01 -19.59
C LEU B 206 -5.30 4.34 -19.43
N CYS B 207 -4.85 5.44 -20.06
CA CYS B 207 -3.46 5.87 -20.05
C CYS B 207 -3.24 6.99 -19.05
N VAL B 208 -2.47 6.72 -18.00
CA VAL B 208 -2.20 7.65 -16.90
C VAL B 208 -0.85 8.25 -17.13
N LEU B 209 -0.83 9.53 -17.50
CA LEU B 209 0.39 10.20 -17.92
C LEU B 209 0.87 11.30 -17.01
N GLY B 210 2.17 11.33 -16.82
CA GLY B 210 2.83 12.39 -16.08
C GLY B 210 3.12 13.56 -17.00
N LEU B 211 4.02 14.44 -16.60
CA LEU B 211 4.41 15.64 -17.37
C LEU B 211 5.15 15.27 -18.67
N ILE B 212 4.57 15.65 -19.83
CA ILE B 212 5.10 15.34 -21.16
C ILE B 212 5.62 16.64 -21.80
N ASP B 213 6.75 16.57 -22.55
CA ASP B 213 7.39 17.74 -23.13
C ASP B 213 6.65 18.34 -24.35
N THR B 214 5.31 18.43 -24.29
CA THR B 214 4.53 19.04 -25.36
C THR B 214 4.57 20.55 -25.12
N GLU B 215 4.50 21.33 -26.21
CA GLU B 215 4.55 22.80 -26.18
C GLU B 215 3.57 23.43 -25.20
N THR B 216 2.29 23.01 -25.25
CA THR B 216 1.21 23.51 -24.40
C THR B 216 1.50 23.27 -22.90
N ALA B 217 1.90 22.03 -22.54
CA ALA B 217 2.21 21.64 -21.16
C ALA B 217 3.43 22.34 -20.59
N MET B 218 4.46 22.55 -21.42
CA MET B 218 5.71 23.23 -21.02
C MET B 218 5.49 24.70 -20.75
N LYS B 219 4.57 25.31 -21.50
CA LYS B 219 4.17 26.71 -21.33
C LYS B 219 3.32 26.84 -20.07
N ALA B 220 2.41 25.86 -19.84
CA ALA B 220 1.49 25.84 -18.70
C ALA B 220 2.20 25.74 -17.32
N VAL B 221 3.27 24.93 -17.23
CA VAL B 221 4.03 24.70 -15.99
C VAL B 221 5.13 25.73 -15.75
N SER B 222 5.51 26.49 -16.79
CA SER B 222 6.56 27.51 -16.76
C SER B 222 6.43 28.46 -15.58
N GLY B 223 7.38 28.37 -14.65
CA GLY B 223 7.46 29.20 -13.44
C GLY B 223 6.55 28.80 -12.29
N ILE B 224 5.71 27.78 -12.49
CA ILE B 224 4.73 27.31 -11.51
C ILE B 224 5.13 25.93 -11.01
N VAL B 225 5.27 24.98 -11.96
CA VAL B 225 5.64 23.61 -11.67
C VAL B 225 7.06 23.36 -12.18
N HIS B 226 7.87 22.68 -11.34
CA HIS B 226 9.28 22.39 -11.54
C HIS B 226 9.52 20.88 -11.41
N MET B 227 9.31 20.19 -12.52
CA MET B 227 9.51 18.75 -12.54
C MET B 227 9.94 18.31 -13.90
N GLN B 228 10.54 17.12 -13.94
CA GLN B 228 11.09 16.50 -15.15
C GLN B 228 9.95 16.17 -16.13
N ALA B 229 10.16 16.52 -17.41
CA ALA B 229 9.23 16.26 -18.51
C ALA B 229 9.69 15.07 -19.32
N ALA B 230 8.78 14.10 -19.52
CA ALA B 230 9.03 12.89 -20.30
C ALA B 230 8.90 13.16 -21.81
N PRO B 231 9.65 12.45 -22.71
CA PRO B 231 9.52 12.76 -24.17
C PRO B 231 8.21 12.27 -24.79
N LYS B 232 7.55 13.16 -25.55
CA LYS B 232 6.27 12.97 -26.24
C LYS B 232 6.24 11.82 -27.27
N GLU B 233 7.39 11.58 -27.94
CA GLU B 233 7.57 10.54 -28.96
C GLU B 233 7.38 9.16 -28.32
N GLU B 234 8.14 8.90 -27.23
CA GLU B 234 8.10 7.66 -26.48
C GLU B 234 6.74 7.46 -25.82
N CYS B 235 6.14 8.56 -25.29
CA CYS B 235 4.84 8.57 -24.64
C CYS B 235 3.77 7.98 -25.57
N ALA B 236 3.67 8.55 -26.77
CA ALA B 236 2.78 8.16 -27.85
C ALA B 236 2.88 6.68 -28.21
N LEU B 237 4.11 6.14 -28.17
CA LEU B 237 4.40 4.73 -28.46
C LEU B 237 3.88 3.82 -27.35
N GLU B 238 4.10 4.22 -26.08
CA GLU B 238 3.69 3.44 -24.91
C GLU B 238 2.17 3.29 -24.83
N ILE B 239 1.43 4.31 -25.32
CA ILE B 239 -0.03 4.35 -25.41
C ILE B 239 -0.50 3.31 -26.45
N ILE B 240 0.09 3.37 -27.66
CA ILE B 240 -0.17 2.46 -28.78
C ILE B 240 0.12 1.02 -28.34
N LYS B 241 1.26 0.81 -27.64
CA LYS B 241 1.70 -0.46 -27.09
C LYS B 241 0.64 -1.09 -26.20
N GLY B 242 0.14 -0.36 -25.22
CA GLY B 242 -0.87 -0.82 -24.29
C GLY B 242 -2.22 -1.12 -24.93
N GLY B 243 -2.63 -0.26 -25.89
CA GLY B 243 -3.86 -0.44 -26.66
C GLY B 243 -3.85 -1.74 -27.47
N ALA B 244 -2.73 -1.98 -28.20
CA ALA B 244 -2.50 -3.20 -28.99
C ALA B 244 -2.45 -4.44 -28.12
N LEU B 245 -1.80 -4.34 -26.93
CA LEU B 245 -1.69 -5.45 -25.99
C LEU B 245 -2.97 -5.65 -25.16
N ARG B 246 -4.00 -4.80 -25.43
CA ARG B 246 -5.32 -4.81 -24.80
C ARG B 246 -5.24 -4.67 -23.27
N GLN B 247 -4.21 -3.93 -22.80
CA GLN B 247 -3.95 -3.66 -21.38
C GLN B 247 -5.02 -2.74 -20.84
N GLU B 248 -5.46 -3.03 -19.60
CA GLU B 248 -6.50 -2.24 -18.94
C GLU B 248 -6.02 -0.83 -18.65
N GLU B 249 -4.76 -0.70 -18.20
CA GLU B 249 -4.14 0.58 -17.86
C GLU B 249 -2.69 0.66 -18.27
N VAL B 250 -2.28 1.84 -18.73
CA VAL B 250 -0.93 2.18 -19.14
C VAL B 250 -0.44 3.33 -18.27
N TYR B 251 0.76 3.19 -17.69
CA TYR B 251 1.36 4.20 -16.83
C TYR B 251 2.63 4.75 -17.47
N TYR B 252 2.69 6.08 -17.65
CA TYR B 252 3.86 6.70 -18.24
C TYR B 252 4.26 8.01 -17.55
N ASP B 253 5.44 8.01 -16.89
CA ASP B 253 5.99 9.14 -16.14
C ASP B 253 7.53 9.05 -16.04
N SER B 254 8.19 10.21 -15.80
CA SER B 254 9.64 10.37 -15.65
C SER B 254 10.17 9.65 -14.41
N SER B 255 9.51 9.83 -13.24
CA SER B 255 9.97 9.21 -12.01
C SER B 255 9.76 7.74 -11.95
N ARG B 256 10.74 7.09 -11.33
CA ARG B 256 10.80 5.67 -11.02
C ARG B 256 9.77 5.37 -9.94
N TRP B 257 9.63 6.31 -8.96
CA TRP B 257 8.76 6.26 -7.79
C TRP B 257 7.29 6.17 -8.12
N THR B 258 6.88 6.88 -9.22
CA THR B 258 5.52 6.92 -9.76
C THR B 258 5.16 5.58 -10.25
N THR B 259 6.01 4.98 -11.10
CA THR B 259 5.83 3.60 -11.61
C THR B 259 5.61 2.66 -10.43
N LEU B 260 6.45 2.77 -9.39
CA LEU B 260 6.38 1.98 -8.17
C LEU B 260 5.10 2.13 -7.33
N LEU B 261 4.56 3.37 -7.17
CA LEU B 261 3.42 3.58 -6.27
C LEU B 261 2.07 3.96 -6.90
N ILE B 262 2.01 4.28 -8.22
CA ILE B 262 0.78 4.72 -8.94
C ILE B 262 -0.32 3.64 -8.96
N ARG B 263 0.05 2.37 -9.15
CA ARG B 263 -0.93 1.28 -9.20
C ARG B 263 -1.66 1.14 -7.86
N ASN B 264 -2.94 0.78 -7.90
CA ASN B 264 -3.75 0.59 -6.70
C ASN B 264 -4.09 -0.89 -6.61
N PRO B 265 -3.23 -1.71 -5.92
CA PRO B 265 -3.49 -3.15 -5.82
C PRO B 265 -4.80 -3.49 -5.10
N CYS B 266 -5.12 -2.74 -4.03
CA CYS B 266 -6.32 -2.89 -3.20
C CYS B 266 -7.63 -2.64 -3.95
N ARG B 267 -7.61 -1.75 -4.96
CA ARG B 267 -8.80 -1.45 -5.77
C ARG B 267 -9.19 -2.68 -6.58
N LYS B 268 -8.23 -3.31 -7.27
CA LYS B 268 -8.47 -4.50 -8.09
C LYS B 268 -8.91 -5.69 -7.25
N ILE B 269 -8.37 -5.81 -6.01
CA ILE B 269 -8.75 -6.86 -5.05
C ILE B 269 -10.21 -6.66 -4.65
N LEU B 270 -10.60 -5.42 -4.28
CA LEU B 270 -11.99 -5.10 -3.93
C LEU B 270 -12.95 -5.41 -5.09
N GLU B 271 -12.58 -5.01 -6.33
CA GLU B 271 -13.37 -5.24 -7.54
C GLU B 271 -13.57 -6.75 -7.83
N GLU B 272 -12.54 -7.55 -7.56
CA GLU B 272 -12.55 -9.01 -7.75
C GLU B 272 -13.53 -9.68 -6.76
N LEU B 273 -13.55 -9.22 -5.50
CA LEU B 273 -14.44 -9.78 -4.47
C LEU B 273 -15.92 -9.49 -4.73
N TYR B 274 -16.21 -8.30 -5.27
CA TYR B 274 -17.57 -7.88 -5.61
C TYR B 274 -18.11 -8.53 -6.87
N SER B 275 -17.21 -8.87 -7.83
CA SER B 275 -17.51 -9.45 -9.15
C SER B 275 -18.31 -10.76 -9.08
N THR B 276 -18.26 -11.39 -7.91
CA THR B 276 -18.96 -12.63 -7.67
C THR B 276 -20.42 -12.36 -7.33
N SER B 277 -20.72 -11.28 -6.59
CA SER B 277 -22.05 -10.92 -6.07
C SER B 277 -23.06 -10.28 -7.03
N TYR B 278 -22.61 -9.78 -8.19
CA TYR B 278 -23.51 -9.03 -9.06
C TYR B 278 -24.21 -9.89 -10.12
N ASN B 279 -25.45 -10.30 -9.77
CA ASN B 279 -26.37 -11.06 -10.61
C ASN B 279 -26.91 -10.08 -11.66
N MET B 280 -26.54 -10.32 -12.91
CA MET B 280 -26.93 -9.47 -14.02
C MET B 280 -27.68 -10.25 -15.09
N ASP B 281 -27.97 -11.56 -14.84
CA ASP B 281 -28.68 -12.40 -15.81
C ASP B 281 -30.18 -12.06 -15.79
N ARG B 282 -30.46 -10.85 -16.29
CA ARG B 282 -31.71 -10.12 -16.44
C ARG B 282 -31.42 -8.97 -17.41
N PHE B 283 -30.11 -8.76 -17.69
CA PHE B 283 -29.54 -7.77 -18.59
C PHE B 283 -28.85 -8.49 -19.74
N SER C 6 -3.57 2.22 50.72
CA SER C 6 -4.36 1.12 51.27
C SER C 6 -5.87 1.40 51.15
N MET C 7 -6.30 2.61 51.62
CA MET C 7 -7.68 3.12 51.58
C MET C 7 -7.98 3.73 50.21
N THR C 8 -6.91 3.89 49.41
CA THR C 8 -6.88 4.42 48.05
C THR C 8 -7.30 3.31 47.06
N GLY C 9 -7.47 3.69 45.80
CA GLY C 9 -7.86 2.81 44.70
C GLY C 9 -8.36 3.59 43.50
N GLY C 10 -8.41 2.93 42.35
CA GLY C 10 -8.86 3.53 41.10
C GLY C 10 -8.02 3.12 39.91
N GLN C 11 -8.24 3.80 38.74
CA GLN C 11 -7.56 3.54 37.47
C GLN C 11 -7.23 4.83 36.72
N GLN C 12 -5.98 4.93 36.20
CA GLN C 12 -5.44 6.06 35.43
C GLN C 12 -5.90 6.09 33.95
N MET C 13 -6.53 4.99 33.46
CA MET C 13 -6.99 4.82 32.07
C MET C 13 -8.50 4.85 31.98
N GLY C 14 -9.02 5.53 30.93
CA GLY C 14 -10.45 5.62 30.68
C GLY C 14 -10.77 6.06 29.27
N ARG C 15 -11.40 7.25 29.14
CA ARG C 15 -11.74 7.86 27.85
C ARG C 15 -10.54 8.74 27.43
N GLY C 16 -9.96 8.41 26.26
CA GLY C 16 -8.80 9.10 25.70
C GLY C 16 -7.47 8.58 26.19
N SER C 17 -7.45 7.36 26.78
CA SER C 17 -6.23 6.74 27.31
C SER C 17 -5.56 5.78 26.31
N ASN C 18 -6.27 5.44 25.22
CA ASN C 18 -5.72 4.61 24.14
C ASN C 18 -5.17 5.56 23.06
N GLU C 19 -5.47 6.88 23.22
CA GLU C 19 -5.09 7.92 22.28
C GLU C 19 -4.15 8.97 22.88
N GLU C 20 -4.40 9.47 24.12
CA GLU C 20 -3.57 10.53 24.68
C GLU C 20 -2.77 10.09 25.93
N PHE C 21 -1.43 10.23 25.84
CA PHE C 21 -0.52 9.88 26.92
C PHE C 21 -0.46 10.89 28.06
N ARG C 22 -0.18 10.41 29.28
CA ARG C 22 0.03 11.17 30.50
C ARG C 22 1.13 10.49 31.31
N PRO C 23 2.07 11.24 31.93
CA PRO C 23 3.14 10.60 32.73
C PRO C 23 2.63 9.80 33.93
N GLU C 24 1.42 10.14 34.42
CA GLU C 24 0.72 9.52 35.55
C GLU C 24 0.31 8.10 35.24
N MET C 25 0.31 7.71 33.95
CA MET C 25 -0.02 6.36 33.48
C MET C 25 1.05 5.36 33.95
N LEU C 26 2.31 5.85 34.13
CA LEU C 26 3.45 5.06 34.57
C LEU C 26 3.70 5.13 36.09
N GLN C 27 2.93 5.94 36.82
CA GLN C 27 3.00 6.08 38.29
C GLN C 27 2.62 4.76 38.98
N GLY C 28 3.55 4.28 39.83
CA GLY C 28 3.40 3.03 40.57
C GLY C 28 3.48 1.76 39.75
N LYS C 29 3.86 1.88 38.44
CA LYS C 29 4.01 0.73 37.55
C LYS C 29 5.35 0.06 37.75
N LYS C 30 5.35 -1.27 37.72
CA LYS C 30 6.52 -2.13 37.91
C LYS C 30 7.15 -2.42 36.54
N VAL C 31 8.28 -1.73 36.25
CA VAL C 31 8.95 -1.77 34.95
C VAL C 31 10.40 -2.30 34.99
N ILE C 32 10.73 -3.17 34.00
CA ILE C 32 12.07 -3.69 33.75
C ILE C 32 12.62 -2.92 32.52
N VAL C 33 13.88 -2.42 32.61
CA VAL C 33 14.58 -1.79 31.50
C VAL C 33 15.92 -2.49 31.36
N THR C 34 16.11 -3.20 30.24
CA THR C 34 17.36 -3.91 29.95
C THR C 34 18.25 -2.93 29.20
N GLY C 35 19.57 -3.13 29.29
CA GLY C 35 20.55 -2.27 28.66
C GLY C 35 20.34 -0.83 29.04
N ALA C 36 20.13 -0.61 30.35
CA ALA C 36 19.79 0.66 30.97
C ALA C 36 20.95 1.38 31.67
N SER C 37 22.20 0.95 31.46
CA SER C 37 23.35 1.64 32.04
C SER C 37 23.78 2.88 31.19
N LYS C 38 23.38 2.89 29.89
CA LYS C 38 23.66 4.00 28.98
C LYS C 38 22.60 4.15 27.89
N GLY C 39 22.82 5.16 27.03
CA GLY C 39 22.01 5.50 25.86
C GLY C 39 20.53 5.67 26.09
N ILE C 40 19.71 5.06 25.20
CA ILE C 40 18.25 5.11 25.24
C ILE C 40 17.67 4.42 26.50
N GLY C 41 18.25 3.27 26.88
CA GLY C 41 17.86 2.48 28.05
C GLY C 41 17.91 3.28 29.35
N ARG C 42 19.03 4.03 29.57
CA ARG C 42 19.23 4.89 30.73
C ARG C 42 18.22 6.06 30.71
N GLU C 43 17.99 6.67 29.53
CA GLU C 43 17.05 7.76 29.32
C GLU C 43 15.62 7.33 29.66
N MET C 44 15.28 6.07 29.35
CA MET C 44 13.98 5.46 29.67
C MET C 44 13.84 5.29 31.17
N ALA C 45 14.90 4.79 31.86
CA ALA C 45 14.94 4.62 33.32
C ALA C 45 14.66 5.96 34.01
N TYR C 46 15.31 7.04 33.53
CA TYR C 46 15.19 8.43 34.00
C TYR C 46 13.78 9.01 33.78
N HIS C 47 13.13 8.71 32.63
CA HIS C 47 11.76 9.15 32.35
C HIS C 47 10.80 8.42 33.26
N LEU C 48 11.04 7.11 33.49
CA LEU C 48 10.20 6.28 34.34
C LEU C 48 10.28 6.70 35.81
N ALA C 49 11.47 7.11 36.25
CA ALA C 49 11.77 7.60 37.59
C ALA C 49 10.93 8.85 37.87
N LYS C 50 10.99 9.85 36.96
CA LYS C 50 10.25 11.12 37.03
C LYS C 50 8.74 10.89 37.11
N MET C 51 8.26 9.84 36.42
CA MET C 51 6.85 9.43 36.38
C MET C 51 6.39 8.67 37.64
N GLY C 52 7.32 8.40 38.56
CA GLY C 52 7.04 7.72 39.82
C GLY C 52 6.75 6.24 39.68
N ALA C 53 7.49 5.56 38.80
CA ALA C 53 7.37 4.13 38.57
C ALA C 53 8.41 3.38 39.41
N HIS C 54 8.19 2.07 39.60
CA HIS C 54 9.13 1.15 40.24
C HIS C 54 9.99 0.65 39.08
N VAL C 55 11.32 0.74 39.22
CA VAL C 55 12.23 0.30 38.15
C VAL C 55 13.28 -0.71 38.65
N VAL C 56 13.62 -1.68 37.78
CA VAL C 56 14.69 -2.66 37.98
C VAL C 56 15.47 -2.65 36.67
N VAL C 57 16.68 -2.04 36.72
CA VAL C 57 17.56 -1.86 35.58
C VAL C 57 18.64 -2.94 35.51
N THR C 58 19.06 -3.31 34.27
CA THR C 58 20.08 -4.32 34.02
C THR C 58 21.02 -3.90 32.90
N ALA C 59 22.22 -4.50 32.88
CA ALA C 59 23.39 -4.35 31.98
C ALA C 59 24.54 -5.10 32.67
N ARG C 60 25.70 -5.21 32.04
CA ARG C 60 26.82 -5.94 32.68
C ARG C 60 27.54 -5.17 33.80
N SER C 61 27.66 -3.85 33.65
CA SER C 61 28.42 -3.02 34.58
C SER C 61 27.62 -2.58 35.79
N LYS C 62 28.06 -3.05 36.96
CA LYS C 62 27.56 -2.81 38.31
C LYS C 62 27.65 -1.33 38.69
N GLU C 63 28.81 -0.70 38.42
CA GLU C 63 29.15 0.70 38.69
C GLU C 63 28.26 1.65 37.94
N THR C 64 28.00 1.36 36.65
CA THR C 64 27.16 2.18 35.79
C THR C 64 25.69 2.10 36.22
N LEU C 65 25.22 0.91 36.61
CA LEU C 65 23.83 0.69 37.07
C LEU C 65 23.57 1.36 38.40
N GLN C 66 24.58 1.36 39.29
CA GLN C 66 24.53 1.98 40.61
C GLN C 66 24.25 3.47 40.49
N LYS C 67 24.96 4.14 39.56
CA LYS C 67 24.83 5.56 39.25
C LYS C 67 23.43 5.88 38.71
N VAL C 68 22.88 4.94 37.88
CA VAL C 68 21.53 5.06 37.28
C VAL C 68 20.47 4.91 38.37
N VAL C 69 20.62 3.91 39.24
CA VAL C 69 19.69 3.61 40.34
C VAL C 69 19.58 4.79 41.30
N SER C 70 20.73 5.38 41.70
CA SER C 70 20.80 6.55 42.59
C SER C 70 20.07 7.76 41.98
N HIS C 71 20.39 8.12 40.71
CA HIS C 71 19.74 9.23 40.00
C HIS C 71 18.22 8.98 39.80
N CYS C 72 17.78 7.71 39.66
CA CYS C 72 16.36 7.32 39.55
C CYS C 72 15.60 7.65 40.83
N LEU C 73 16.28 7.56 41.99
CA LEU C 73 15.70 7.85 43.31
C LEU C 73 15.63 9.34 43.56
N GLU C 74 16.58 10.09 43.00
CA GLU C 74 16.65 11.56 43.04
C GLU C 74 15.54 12.16 42.16
N LEU C 75 15.25 11.52 40.99
CA LEU C 75 14.20 11.98 40.05
C LEU C 75 12.78 11.68 40.54
N GLY C 76 12.66 10.81 41.55
CA GLY C 76 11.37 10.50 42.14
C GLY C 76 10.77 9.14 41.84
N ALA C 77 11.62 8.12 41.60
CA ALA C 77 11.12 6.77 41.36
C ALA C 77 10.50 6.21 42.65
N ALA C 78 9.42 5.42 42.52
CA ALA C 78 8.74 4.79 43.64
C ALA C 78 9.69 3.80 44.33
N SER C 79 10.61 3.24 43.53
CA SER C 79 11.73 2.37 43.94
C SER C 79 12.66 2.20 42.76
N ALA C 80 13.94 1.92 43.01
CA ALA C 80 14.95 1.69 41.98
C ALA C 80 15.95 0.66 42.46
N HIS C 81 16.17 -0.39 41.65
CA HIS C 81 17.08 -1.49 41.92
C HIS C 81 17.85 -1.89 40.63
N TYR C 82 18.93 -2.65 40.77
CA TYR C 82 19.71 -3.15 39.64
C TYR C 82 20.16 -4.59 39.88
N ILE C 83 20.33 -5.34 38.79
CA ILE C 83 20.84 -6.71 38.82
C ILE C 83 21.77 -6.78 37.64
N ALA C 84 23.08 -6.78 37.89
CA ALA C 84 24.11 -6.84 36.84
C ALA C 84 24.32 -8.25 36.31
N GLY C 85 24.54 -8.34 35.00
CA GLY C 85 24.84 -9.61 34.34
C GLY C 85 24.73 -9.52 32.85
N THR C 86 25.37 -10.45 32.17
CA THR C 86 25.36 -10.51 30.71
C THR C 86 24.16 -11.30 30.19
N MET C 87 23.55 -10.77 29.12
CA MET C 87 22.40 -11.35 28.45
C MET C 87 22.81 -12.42 27.46
N GLU C 88 24.09 -12.81 27.50
CA GLU C 88 24.67 -13.92 26.75
C GLU C 88 24.27 -15.19 27.50
N ASP C 89 24.05 -15.07 28.83
CA ASP C 89 23.67 -16.14 29.74
C ASP C 89 22.15 -16.20 29.87
N MET C 90 21.55 -17.20 29.24
CA MET C 90 20.11 -17.46 29.23
C MET C 90 19.57 -17.85 30.62
N THR C 91 20.45 -18.41 31.49
CA THR C 91 20.14 -18.74 32.87
C THR C 91 20.01 -17.42 33.65
N PHE C 92 20.95 -16.46 33.43
CA PHE C 92 20.89 -15.16 34.07
C PHE C 92 19.60 -14.44 33.63
N ALA C 93 19.35 -14.36 32.30
CA ALA C 93 18.17 -13.72 31.69
C ALA C 93 16.86 -14.20 32.33
N GLU C 94 16.73 -15.53 32.55
CA GLU C 94 15.57 -16.18 33.16
C GLU C 94 15.41 -15.83 34.63
N GLN C 95 16.52 -15.90 35.40
CA GLN C 95 16.54 -15.66 36.83
C GLN C 95 16.36 -14.22 37.18
N PHE C 96 16.90 -13.30 36.33
CA PHE C 96 16.81 -11.85 36.51
C PHE C 96 15.35 -11.40 36.63
N VAL C 97 14.45 -11.88 35.74
CA VAL C 97 13.02 -11.53 35.67
C VAL C 97 12.31 -11.86 36.99
N ALA C 98 12.57 -13.08 37.51
CA ALA C 98 12.00 -13.55 38.78
C ALA C 98 12.47 -12.68 39.98
N GLN C 99 13.79 -12.36 40.03
CA GLN C 99 14.44 -11.51 41.03
C GLN C 99 13.90 -10.08 40.94
N ALA C 100 13.74 -9.57 39.70
CA ALA C 100 13.19 -8.25 39.42
C ALA C 100 11.71 -8.16 39.91
N GLY C 101 10.92 -9.18 39.60
CA GLY C 101 9.53 -9.30 40.03
C GLY C 101 9.37 -9.37 41.53
N LYS C 102 10.28 -10.09 42.23
CA LYS C 102 10.31 -10.22 43.70
C LYS C 102 10.58 -8.84 44.34
N LEU C 103 11.52 -8.05 43.74
CA LEU C 103 11.87 -6.72 44.22
C LEU C 103 10.73 -5.71 44.10
N MET C 104 9.88 -5.87 43.07
CA MET C 104 8.78 -4.95 42.79
C MET C 104 7.40 -5.43 43.21
N GLY C 105 7.28 -6.72 43.49
CA GLY C 105 6.01 -7.34 43.85
C GLY C 105 5.16 -7.59 42.62
N GLY C 106 5.82 -7.86 41.49
CA GLY C 106 5.15 -8.11 40.21
C GLY C 106 5.81 -7.39 39.05
N LEU C 107 5.11 -7.31 37.90
CA LEU C 107 5.60 -6.68 36.68
C LEU C 107 4.45 -6.25 35.79
N ASP C 108 4.52 -4.98 35.32
CA ASP C 108 3.53 -4.36 34.42
C ASP C 108 4.12 -4.11 33.02
N MET C 109 5.43 -3.82 32.94
CA MET C 109 6.09 -3.53 31.67
C MET C 109 7.49 -4.11 31.57
N LEU C 110 7.76 -4.80 30.46
CA LEU C 110 9.08 -5.39 30.16
C LEU C 110 9.64 -4.68 28.96
N ILE C 111 10.68 -3.84 29.19
CA ILE C 111 11.34 -3.07 28.12
C ILE C 111 12.65 -3.76 27.78
N LEU C 112 12.66 -4.36 26.58
CA LEU C 112 13.75 -5.14 26.00
C LEU C 112 14.49 -4.22 25.04
N ASN C 113 15.67 -3.78 25.49
CA ASN C 113 16.45 -2.75 24.82
C ASN C 113 17.91 -3.11 24.57
N HIS C 114 18.53 -3.96 25.40
CA HIS C 114 19.94 -4.35 25.24
C HIS C 114 20.29 -4.97 23.88
N ILE C 115 21.53 -4.76 23.44
CA ILE C 115 22.08 -5.35 22.23
C ILE C 115 23.53 -5.66 22.54
N THR C 116 24.14 -6.55 21.74
CA THR C 116 25.56 -6.85 21.83
C THR C 116 26.27 -5.68 21.13
N ASN C 117 27.46 -5.31 21.61
CA ASN C 117 28.26 -4.23 21.03
C ASN C 117 28.49 -4.54 19.54
N THR C 118 28.13 -3.59 18.66
CA THR C 118 28.27 -3.81 17.22
C THR C 118 28.88 -2.59 16.54
N SER C 119 29.82 -2.83 15.61
CA SER C 119 30.45 -1.77 14.84
C SER C 119 29.99 -1.84 13.38
N LEU C 120 30.10 -0.71 12.64
CA LEU C 120 29.73 -0.69 11.23
C LEU C 120 30.90 -1.25 10.45
N ASN C 121 30.69 -2.42 9.82
CA ASN C 121 31.70 -3.13 9.05
C ASN C 121 31.08 -4.03 8.01
N LEU C 122 31.78 -4.26 6.89
CA LEU C 122 31.31 -5.19 5.88
C LEU C 122 31.43 -6.61 6.43
N PHE C 123 30.50 -7.48 6.05
CA PHE C 123 30.51 -8.87 6.48
C PHE C 123 31.48 -9.66 5.60
N HIS C 124 32.34 -10.48 6.24
CA HIS C 124 33.28 -11.31 5.51
C HIS C 124 33.18 -12.76 5.96
N ASP C 125 33.47 -13.04 7.24
CA ASP C 125 33.45 -14.41 7.77
C ASP C 125 33.16 -14.49 9.27
N ASP C 126 32.75 -13.35 9.85
CA ASP C 126 32.43 -13.26 11.26
C ASP C 126 31.11 -13.94 11.59
N ILE C 127 31.18 -15.27 11.78
CA ILE C 127 30.04 -16.11 12.16
C ILE C 127 29.80 -16.01 13.68
N HIS C 128 30.88 -15.78 14.46
CA HIS C 128 30.83 -15.61 15.91
C HIS C 128 29.96 -14.36 16.23
N HIS C 129 30.17 -13.26 15.47
CA HIS C 129 29.39 -12.04 15.64
C HIS C 129 27.92 -12.21 15.14
N VAL C 130 27.69 -13.05 14.11
CA VAL C 130 26.33 -13.35 13.64
C VAL C 130 25.59 -14.13 14.75
N ARG C 131 26.24 -15.20 15.30
CA ARG C 131 25.69 -16.02 16.39
C ARG C 131 25.45 -15.23 17.68
N LYS C 132 26.43 -14.39 18.08
CA LYS C 132 26.32 -13.58 19.30
C LYS C 132 25.22 -12.54 19.19
N SER C 133 25.05 -11.94 17.99
CA SER C 133 23.98 -10.98 17.73
C SER C 133 22.64 -11.66 17.88
N MET C 134 22.48 -12.86 17.31
CA MET C 134 21.24 -13.61 17.43
C MET C 134 20.94 -13.99 18.90
N GLU C 135 21.97 -14.43 19.65
CA GLU C 135 21.83 -14.81 21.05
C GLU C 135 21.43 -13.65 21.97
N VAL C 136 22.20 -12.53 21.91
CA VAL C 136 21.98 -11.37 22.76
C VAL C 136 20.82 -10.51 22.27
N ASN C 137 20.83 -10.13 21.01
CA ASN C 137 19.79 -9.22 20.52
C ASN C 137 18.44 -9.88 20.31
N PHE C 138 18.38 -11.21 20.11
CA PHE C 138 17.12 -11.87 19.83
C PHE C 138 16.72 -13.00 20.84
N LEU C 139 17.58 -13.99 21.06
CA LEU C 139 17.23 -15.14 21.90
C LEU C 139 16.97 -14.81 23.35
N SER C 140 17.78 -13.89 23.92
CA SER C 140 17.59 -13.44 25.30
C SER C 140 16.24 -12.74 25.48
N TYR C 141 15.75 -12.06 24.42
CA TYR C 141 14.46 -11.37 24.40
C TYR C 141 13.33 -12.36 24.56
N VAL C 142 13.45 -13.51 23.90
CA VAL C 142 12.51 -14.63 23.95
C VAL C 142 12.52 -15.24 25.36
N VAL C 143 13.74 -15.49 25.91
CA VAL C 143 13.97 -16.06 27.26
C VAL C 143 13.36 -15.14 28.33
N LEU C 144 13.58 -13.82 28.19
CA LEU C 144 13.07 -12.79 29.09
C LEU C 144 11.53 -12.71 29.04
N THR C 145 10.94 -12.87 27.83
CA THR C 145 9.50 -12.88 27.60
C THR C 145 8.82 -14.11 28.27
N VAL C 146 9.39 -15.32 28.07
CA VAL C 146 8.88 -16.58 28.63
C VAL C 146 8.82 -16.49 30.15
N ALA C 147 9.89 -15.92 30.77
CA ALA C 147 10.00 -15.73 32.23
C ALA C 147 9.03 -14.66 32.75
N ALA C 148 8.81 -13.58 31.98
CA ALA C 148 7.95 -12.45 32.35
C ALA C 148 6.46 -12.64 32.09
N LEU C 149 6.06 -13.53 31.16
CA LEU C 149 4.66 -13.74 30.77
C LEU C 149 3.69 -14.07 31.92
N PRO C 150 3.98 -15.00 32.88
CA PRO C 150 3.02 -15.24 33.98
C PRO C 150 2.65 -13.97 34.76
N MET C 151 3.66 -13.14 35.14
CA MET C 151 3.46 -11.85 35.83
C MET C 151 2.69 -10.83 34.99
N LEU C 152 3.01 -10.73 33.68
CA LEU C 152 2.35 -9.80 32.74
C LEU C 152 0.92 -10.21 32.44
N LYS C 153 0.61 -11.52 32.47
CA LYS C 153 -0.74 -12.07 32.25
C LYS C 153 -1.63 -11.64 33.42
N GLN C 154 -1.07 -11.68 34.63
CA GLN C 154 -1.70 -11.29 35.89
C GLN C 154 -2.04 -9.78 35.91
N SER C 155 -1.11 -8.93 35.46
CA SER C 155 -1.26 -7.49 35.43
C SER C 155 -1.85 -6.94 34.14
N ASN C 156 -2.10 -7.81 33.12
CA ASN C 156 -2.54 -7.40 31.78
C ASN C 156 -1.53 -6.35 31.24
N GLY C 157 -0.24 -6.69 31.38
CA GLY C 157 0.91 -5.84 31.09
C GLY C 157 1.32 -5.66 29.65
N SER C 158 2.53 -5.11 29.48
CA SER C 158 3.12 -4.78 28.20
C SER C 158 4.56 -5.29 28.00
N ILE C 159 4.85 -5.71 26.76
CA ILE C 159 6.19 -6.07 26.32
C ILE C 159 6.56 -4.97 25.31
N VAL C 160 7.74 -4.34 25.49
CA VAL C 160 8.25 -3.27 24.63
C VAL C 160 9.59 -3.77 24.06
N VAL C 161 9.61 -3.96 22.73
CA VAL C 161 10.75 -4.47 21.96
C VAL C 161 11.43 -3.34 21.18
N VAL C 162 12.64 -2.95 21.62
CA VAL C 162 13.39 -1.90 20.95
C VAL C 162 14.12 -2.47 19.73
N SER C 163 13.76 -1.96 18.55
CA SER C 163 14.30 -2.38 17.26
C SER C 163 14.87 -1.16 16.51
N SER C 164 15.09 -1.30 15.20
CA SER C 164 15.72 -0.27 14.36
C SER C 164 15.05 -0.24 12.98
N LEU C 165 15.35 0.80 12.16
CA LEU C 165 14.90 0.89 10.75
C LEU C 165 15.58 -0.25 10.01
N ALA C 166 16.79 -0.65 10.48
CA ALA C 166 17.60 -1.77 9.98
C ALA C 166 16.94 -3.11 10.32
N GLY C 167 15.81 -3.04 11.02
CA GLY C 167 14.95 -4.18 11.34
C GLY C 167 13.66 -4.18 10.53
N LYS C 168 13.56 -3.27 9.55
CA LYS C 168 12.40 -3.12 8.65
C LYS C 168 12.86 -3.01 7.19
N VAL C 169 13.96 -2.33 6.95
CA VAL C 169 14.58 -2.14 5.62
C VAL C 169 16.05 -2.57 5.69
N ALA C 170 16.71 -2.78 4.54
CA ALA C 170 18.10 -3.22 4.50
C ALA C 170 19.10 -2.06 4.45
N TYR C 171 20.23 -2.26 5.15
CA TYR C 171 21.36 -1.37 5.22
C TYR C 171 22.61 -2.19 5.06
N PRO C 172 23.70 -1.67 4.44
CA PRO C 172 24.97 -2.42 4.45
C PRO C 172 25.67 -2.18 5.80
N MET C 173 26.80 -2.87 6.04
CA MET C 173 27.68 -2.74 7.21
C MET C 173 27.06 -3.18 8.55
N VAL C 174 25.82 -3.65 8.56
CA VAL C 174 25.11 -4.14 9.77
C VAL C 174 24.34 -5.45 9.52
N ALA C 175 24.87 -6.38 8.68
CA ALA C 175 24.24 -7.66 8.30
C ALA C 175 23.71 -8.49 9.49
N ALA C 176 24.60 -8.82 10.46
CA ALA C 176 24.30 -9.62 11.67
C ALA C 176 23.30 -8.92 12.61
N TYR C 177 23.45 -7.60 12.77
CA TYR C 177 22.63 -6.76 13.62
C TYR C 177 21.20 -6.68 13.09
N SER C 178 21.08 -6.44 11.77
CA SER C 178 19.86 -6.35 11.00
C SER C 178 19.12 -7.72 10.96
N ALA C 179 19.85 -8.85 10.94
CA ALA C 179 19.21 -10.17 10.97
C ALA C 179 18.53 -10.37 12.34
N SER C 180 19.20 -9.97 13.42
CA SER C 180 18.68 -10.08 14.78
C SER C 180 17.48 -9.16 15.04
N LYS C 181 17.39 -8.02 14.32
CA LYS C 181 16.28 -7.04 14.45
C LYS C 181 15.10 -7.44 13.66
N PHE C 182 15.32 -8.02 12.49
CA PHE C 182 14.26 -8.58 11.65
C PHE C 182 13.68 -9.80 12.43
N ALA C 183 14.54 -10.68 12.98
CA ALA C 183 14.13 -11.85 13.79
C ALA C 183 13.12 -11.52 14.87
N LEU C 184 13.32 -10.38 15.53
CA LEU C 184 12.47 -9.82 16.56
C LEU C 184 11.07 -9.50 15.99
N ASP C 185 11.01 -8.87 14.80
CA ASP C 185 9.75 -8.55 14.17
C ASP C 185 8.95 -9.82 13.88
N GLY C 186 9.59 -10.77 13.23
CA GLY C 186 8.98 -12.05 12.90
C GLY C 186 8.44 -12.77 14.11
N PHE C 187 9.26 -12.89 15.16
CA PHE C 187 8.88 -13.57 16.39
C PHE C 187 7.75 -12.90 17.15
N PHE C 188 7.96 -11.65 17.58
CA PHE C 188 7.00 -10.90 18.39
C PHE C 188 5.71 -10.52 17.65
N SER C 189 5.76 -10.35 16.33
CA SER C 189 4.55 -10.08 15.57
C SER C 189 3.73 -11.37 15.47
N SER C 190 4.39 -12.54 15.43
CA SER C 190 3.73 -13.85 15.40
C SER C 190 3.03 -14.16 16.72
N ILE C 191 3.72 -14.00 17.87
CA ILE C 191 3.13 -14.24 19.20
C ILE C 191 2.02 -13.21 19.54
N ARG C 192 2.05 -12.01 18.93
CA ARG C 192 1.00 -10.99 19.12
C ARG C 192 -0.33 -11.50 18.54
N LYS C 193 -0.27 -12.18 17.38
CA LYS C 193 -1.43 -12.77 16.70
C LYS C 193 -1.96 -13.94 17.53
N GLU C 194 -1.05 -14.73 18.14
CA GLU C 194 -1.37 -15.87 19.01
C GLU C 194 -2.07 -15.39 20.28
N TYR C 195 -1.58 -14.29 20.88
CA TYR C 195 -2.16 -13.68 22.09
C TYR C 195 -3.54 -13.09 21.81
N SER C 196 -3.76 -12.58 20.59
CA SER C 196 -5.04 -12.00 20.16
C SER C 196 -6.17 -13.05 20.14
N VAL C 197 -5.88 -14.23 19.58
CA VAL C 197 -6.83 -15.35 19.47
C VAL C 197 -6.98 -16.14 20.77
N SER C 198 -5.89 -16.33 21.53
CA SER C 198 -5.92 -17.04 22.81
C SER C 198 -6.26 -16.11 23.98
N ARG C 199 -6.73 -14.89 23.65
CA ARG C 199 -7.17 -13.79 24.51
C ARG C 199 -6.22 -13.55 25.71
N VAL C 200 -4.92 -13.43 25.41
CA VAL C 200 -3.85 -13.08 26.36
C VAL C 200 -3.77 -11.57 26.27
N ASN C 201 -4.12 -10.87 27.36
CA ASN C 201 -4.14 -9.40 27.39
C ASN C 201 -2.76 -8.77 27.71
N VAL C 202 -1.76 -9.13 26.89
CA VAL C 202 -0.39 -8.62 27.00
C VAL C 202 -0.06 -7.95 25.68
N SER C 203 0.16 -6.62 25.69
CA SER C 203 0.48 -5.87 24.46
C SER C 203 1.94 -6.06 24.06
N ILE C 204 2.23 -5.97 22.76
CA ILE C 204 3.59 -6.05 22.23
C ILE C 204 3.84 -4.82 21.37
N THR C 205 4.80 -3.97 21.79
CA THR C 205 5.19 -2.75 21.09
C THR C 205 6.56 -2.95 20.44
N LEU C 206 6.62 -2.91 19.08
CA LEU C 206 7.88 -2.97 18.34
C LEU C 206 8.26 -1.53 17.99
N CYS C 207 9.41 -1.09 18.49
CA CYS C 207 9.90 0.28 18.29
C CYS C 207 10.94 0.32 17.20
N VAL C 208 10.63 0.98 16.10
CA VAL C 208 11.50 1.09 14.90
C VAL C 208 12.18 2.45 14.97
N LEU C 209 13.44 2.43 15.39
CA LEU C 209 14.23 3.65 15.60
C LEU C 209 15.19 3.98 14.49
N GLY C 210 15.30 5.28 14.22
CA GLY C 210 16.23 5.89 13.27
C GLY C 210 17.52 6.22 14.00
N LEU C 211 18.37 7.07 13.42
CA LEU C 211 19.62 7.42 14.08
C LEU C 211 19.39 8.22 15.38
N ILE C 212 20.00 7.76 16.51
CA ILE C 212 19.84 8.38 17.83
C ILE C 212 21.22 8.89 18.32
N ASP C 213 21.26 10.08 18.97
CA ASP C 213 22.51 10.70 19.42
C ASP C 213 23.14 10.04 20.67
N THR C 214 23.13 8.68 20.74
CA THR C 214 23.77 7.97 21.85
C THR C 214 25.26 7.92 21.59
N GLU C 215 26.06 7.93 22.66
CA GLU C 215 27.52 7.90 22.60
C GLU C 215 28.09 6.80 21.72
N THR C 216 27.62 5.58 21.92
CA THR C 216 28.10 4.41 21.18
C THR C 216 27.78 4.52 19.68
N ALA C 217 26.55 4.96 19.33
CA ALA C 217 26.10 5.13 17.93
C ALA C 217 26.87 6.20 17.23
N MET C 218 27.07 7.36 17.88
CA MET C 218 27.80 8.50 17.36
C MET C 218 29.25 8.20 17.07
N LYS C 219 29.86 7.33 17.87
CA LYS C 219 31.22 6.86 17.67
C LYS C 219 31.27 5.86 16.51
N ALA C 220 30.23 4.99 16.41
CA ALA C 220 30.11 3.98 15.35
C ALA C 220 29.93 4.56 13.92
N VAL C 221 29.15 5.64 13.78
CA VAL C 221 28.85 6.32 12.49
C VAL C 221 29.91 7.36 12.11
N SER C 222 30.78 7.74 13.06
CA SER C 222 31.83 8.75 12.85
C SER C 222 32.68 8.45 11.61
N GLY C 223 32.62 9.35 10.62
CA GLY C 223 33.35 9.25 9.36
C GLY C 223 32.75 8.31 8.32
N ILE C 224 31.64 7.64 8.66
CA ILE C 224 30.98 6.67 7.79
C ILE C 224 29.61 7.24 7.41
N VAL C 225 28.79 7.51 8.43
CA VAL C 225 27.44 8.01 8.24
C VAL C 225 27.36 9.46 8.67
N HIS C 226 26.83 10.28 7.74
CA HIS C 226 26.58 11.71 7.84
C HIS C 226 25.11 11.95 7.57
N MET C 227 24.31 12.05 8.64
CA MET C 227 22.90 12.36 8.65
C MET C 227 22.51 12.93 10.02
N GLN C 228 21.33 13.54 10.13
CA GLN C 228 20.77 14.10 11.36
C GLN C 228 20.51 12.98 12.39
N ALA C 229 20.93 13.20 13.64
CA ALA C 229 20.76 12.26 14.76
C ALA C 229 19.63 12.79 15.63
N ALA C 230 18.64 11.94 15.95
CA ALA C 230 17.51 12.36 16.77
C ALA C 230 17.90 12.34 18.28
N PRO C 231 17.30 13.20 19.16
CA PRO C 231 17.70 13.19 20.57
C PRO C 231 17.22 11.97 21.35
N LYS C 232 18.14 11.36 22.12
CA LYS C 232 17.96 10.15 22.94
C LYS C 232 16.88 10.30 24.04
N GLU C 233 16.76 11.52 24.60
CA GLU C 233 15.83 11.85 25.67
C GLU C 233 14.40 11.67 25.15
N GLU C 234 14.08 12.33 24.02
CA GLU C 234 12.78 12.28 23.36
C GLU C 234 12.46 10.87 22.86
N CYS C 235 13.48 10.17 22.30
CA CYS C 235 13.37 8.81 21.79
C CYS C 235 12.84 7.87 22.86
N ALA C 236 13.50 7.86 24.03
CA ALA C 236 13.17 7.10 25.24
C ALA C 236 11.75 7.32 25.69
N LEU C 237 11.26 8.56 25.58
CA LEU C 237 9.90 8.95 25.93
C LEU C 237 8.88 8.38 24.95
N GLU C 238 9.17 8.45 23.64
CA GLU C 238 8.27 7.96 22.58
C GLU C 238 8.04 6.45 22.67
N ILE C 239 9.06 5.72 23.14
CA ILE C 239 9.05 4.28 23.39
C ILE C 239 8.09 3.97 24.54
N ILE C 240 8.29 4.65 25.69
CA ILE C 240 7.47 4.56 26.90
C ILE C 240 6.01 4.89 26.55
N LYS C 241 5.81 5.97 25.74
CA LYS C 241 4.51 6.45 25.27
C LYS C 241 3.76 5.36 24.52
N GLY C 242 4.43 4.75 23.54
CA GLY C 242 3.91 3.65 22.73
C GLY C 242 3.53 2.41 23.51
N GLY C 243 4.38 2.05 24.48
CA GLY C 243 4.17 0.93 25.39
C GLY C 243 2.95 1.11 26.26
N ALA C 244 2.84 2.29 26.93
CA ALA C 244 1.71 2.68 27.79
C ALA C 244 0.40 2.74 27.02
N LEU C 245 0.42 3.27 25.77
CA LEU C 245 -0.76 3.36 24.92
C LEU C 245 -1.09 2.02 24.23
N ARG C 246 -0.28 0.96 24.52
CA ARG C 246 -0.42 -0.41 24.02
C ARG C 246 -0.41 -0.50 22.49
N GLN C 247 0.35 0.41 21.86
CA GLN C 247 0.51 0.50 20.41
C GLN C 247 1.31 -0.69 19.91
N GLU C 248 0.96 -1.22 18.75
CA GLU C 248 1.62 -2.35 18.12
C GLU C 248 3.04 -1.99 17.66
N GLU C 249 3.19 -0.83 17.00
CA GLU C 249 4.44 -0.30 16.44
C GLU C 249 4.65 1.17 16.77
N VAL C 250 5.88 1.54 17.12
CA VAL C 250 6.31 2.93 17.37
C VAL C 250 7.40 3.25 16.35
N TYR C 251 7.24 4.37 15.63
CA TYR C 251 8.21 4.84 14.64
C TYR C 251 8.86 6.15 15.07
N TYR C 252 10.20 6.17 15.20
CA TYR C 252 10.90 7.37 15.62
C TYR C 252 12.17 7.60 14.80
N ASP C 253 12.17 8.70 13.99
CA ASP C 253 13.28 9.10 13.11
C ASP C 253 13.29 10.60 12.85
N SER C 254 14.46 11.16 12.45
CA SER C 254 14.66 12.58 12.15
C SER C 254 13.89 13.00 10.86
N SER C 255 13.90 12.14 9.80
CA SER C 255 13.29 12.38 8.48
C SER C 255 11.77 12.18 8.40
N ARG C 256 11.09 13.24 7.89
CA ARG C 256 9.64 13.30 7.66
C ARG C 256 9.19 12.25 6.62
N TRP C 257 10.09 11.94 5.64
CA TRP C 257 9.89 10.94 4.58
C TRP C 257 9.90 9.52 5.12
N THR C 258 10.73 9.27 6.14
CA THR C 258 10.85 7.96 6.79
C THR C 258 9.52 7.59 7.38
N THR C 259 8.96 8.48 8.20
CA THR C 259 7.68 8.26 8.86
C THR C 259 6.57 7.90 7.85
N LEU C 260 6.57 8.58 6.68
CA LEU C 260 5.61 8.36 5.61
C LEU C 260 5.72 6.99 4.93
N LEU C 261 6.96 6.59 4.57
CA LEU C 261 7.25 5.36 3.82
C LEU C 261 7.55 4.08 4.64
N ILE C 262 7.91 4.21 5.93
CA ILE C 262 8.28 3.09 6.79
C ILE C 262 7.13 2.12 7.06
N ARG C 263 5.91 2.63 7.21
CA ARG C 263 4.73 1.81 7.48
C ARG C 263 4.40 0.90 6.29
N ASN C 264 3.93 -0.33 6.58
CA ASN C 264 3.57 -1.26 5.54
C ASN C 264 2.06 -1.56 5.63
N PRO C 265 1.23 -0.74 4.96
CA PRO C 265 -0.23 -0.98 5.02
C PRO C 265 -0.66 -2.33 4.41
N CYS C 266 0.01 -2.74 3.32
CA CYS C 266 -0.26 -3.97 2.59
C CYS C 266 0.06 -5.23 3.37
N ARG C 267 1.01 -5.16 4.32
CA ARG C 267 1.36 -6.29 5.19
C ARG C 267 0.19 -6.63 6.09
N LYS C 268 -0.41 -5.62 6.73
CA LYS C 268 -1.57 -5.80 7.64
C LYS C 268 -2.79 -6.33 6.89
N ILE C 269 -2.99 -5.87 5.65
CA ILE C 269 -4.07 -6.29 4.75
C ILE C 269 -3.89 -7.77 4.44
N LEU C 270 -2.67 -8.18 4.03
CA LEU C 270 -2.35 -9.59 3.75
C LEU C 270 -2.58 -10.48 4.96
N GLU C 271 -2.11 -10.04 6.16
CA GLU C 271 -2.27 -10.76 7.44
C GLU C 271 -3.75 -10.98 7.79
N GLU C 272 -4.59 -9.96 7.52
CA GLU C 272 -6.04 -10.00 7.76
C GLU C 272 -6.75 -11.02 6.86
N LEU C 273 -6.37 -11.08 5.59
CA LEU C 273 -6.95 -12.04 4.62
C LEU C 273 -6.62 -13.51 4.94
N TYR C 274 -5.42 -13.76 5.50
CA TYR C 274 -4.96 -15.10 5.92
C TYR C 274 -5.58 -15.56 7.24
N SER C 275 -5.98 -14.60 8.09
CA SER C 275 -6.60 -14.86 9.41
C SER C 275 -7.90 -15.68 9.34
N THR C 276 -8.52 -15.73 8.15
CA THR C 276 -9.74 -16.46 7.88
C THR C 276 -9.48 -17.95 7.62
N SER C 277 -8.25 -18.29 7.19
CA SER C 277 -7.83 -19.66 6.90
C SER C 277 -7.48 -20.52 8.15
N TYR C 278 -7.44 -19.93 9.36
CA TYR C 278 -7.11 -20.70 10.57
C TYR C 278 -8.13 -20.55 11.72
N GLU D 19 16.14 -10.94 -18.61
CA GLU D 19 14.72 -10.60 -18.66
C GLU D 19 13.83 -11.83 -18.97
N GLU D 20 14.24 -12.67 -19.97
CA GLU D 20 13.46 -13.87 -20.34
C GLU D 20 14.21 -15.16 -20.05
N PHE D 21 13.58 -16.10 -19.29
CA PHE D 21 14.21 -17.38 -18.91
C PHE D 21 14.26 -18.40 -20.05
N ARG D 22 15.30 -19.25 -20.04
CA ARG D 22 15.50 -20.38 -20.95
C ARG D 22 16.13 -21.53 -20.13
N PRO D 23 15.70 -22.80 -20.31
CA PRO D 23 16.31 -23.93 -19.55
C PRO D 23 17.80 -24.13 -19.82
N GLU D 24 18.27 -23.65 -20.99
CA GLU D 24 19.67 -23.70 -21.48
C GLU D 24 20.60 -22.83 -20.62
N MET D 25 20.01 -21.91 -19.83
CA MET D 25 20.74 -21.05 -18.90
C MET D 25 21.39 -21.87 -17.78
N LEU D 26 20.75 -23.01 -17.41
CA LEU D 26 21.22 -23.92 -16.37
C LEU D 26 22.06 -25.10 -16.89
N GLN D 27 22.20 -25.23 -18.22
CA GLN D 27 23.01 -26.27 -18.88
C GLN D 27 24.50 -26.11 -18.53
N GLY D 28 25.07 -27.17 -17.98
CA GLY D 28 26.48 -27.23 -17.58
C GLY D 28 26.83 -26.41 -16.35
N LYS D 29 25.81 -25.89 -15.64
CA LYS D 29 26.00 -25.08 -14.43
C LYS D 29 26.20 -25.99 -13.22
N LYS D 30 27.13 -25.59 -12.34
CA LYS D 30 27.48 -26.32 -11.12
C LYS D 30 26.61 -25.78 -9.96
N VAL D 31 25.58 -26.58 -9.57
CA VAL D 31 24.55 -26.20 -8.59
C VAL D 31 24.49 -27.10 -7.34
N ILE D 32 24.38 -26.46 -6.15
CA ILE D 32 24.18 -27.08 -4.84
C ILE D 32 22.70 -26.87 -4.48
N VAL D 33 22.02 -27.96 -4.03
CA VAL D 33 20.63 -27.91 -3.55
C VAL D 33 20.63 -28.57 -2.16
N THR D 34 20.36 -27.76 -1.12
CA THR D 34 20.28 -28.25 0.26
C THR D 34 18.84 -28.66 0.48
N GLY D 35 18.61 -29.54 1.45
CA GLY D 35 17.30 -30.10 1.76
C GLY D 35 16.64 -30.58 0.49
N ALA D 36 17.35 -31.43 -0.28
CA ALA D 36 16.95 -31.93 -1.58
C ALA D 36 16.52 -33.42 -1.63
N SER D 37 16.27 -34.04 -0.46
CA SER D 37 15.83 -35.45 -0.42
C SER D 37 14.31 -35.56 -0.63
N LYS D 38 13.59 -34.46 -0.35
CA LYS D 38 12.13 -34.38 -0.53
C LYS D 38 11.68 -32.95 -0.85
N GLY D 39 10.35 -32.82 -0.99
CA GLY D 39 9.63 -31.57 -1.24
C GLY D 39 10.10 -30.74 -2.40
N ILE D 40 10.23 -29.42 -2.17
CA ILE D 40 10.66 -28.42 -3.15
C ILE D 40 12.12 -28.64 -3.59
N GLY D 41 13.00 -28.95 -2.62
CA GLY D 41 14.41 -29.22 -2.86
C GLY D 41 14.67 -30.31 -3.88
N ARG D 42 13.96 -31.46 -3.75
CA ARG D 42 14.03 -32.61 -4.67
C ARG D 42 13.50 -32.20 -6.07
N GLU D 43 12.39 -31.44 -6.10
CA GLU D 43 11.76 -30.93 -7.33
C GLU D 43 12.71 -30.03 -8.12
N MET D 44 13.51 -29.23 -7.40
CA MET D 44 14.55 -28.35 -7.95
C MET D 44 15.67 -29.18 -8.56
N ALA D 45 16.13 -30.23 -7.84
CA ALA D 45 17.16 -31.15 -8.31
C ALA D 45 16.74 -31.76 -9.67
N TYR D 46 15.49 -32.21 -9.76
CA TYR D 46 14.83 -32.80 -10.93
C TYR D 46 14.74 -31.85 -12.11
N HIS D 47 14.39 -30.56 -11.86
CA HIS D 47 14.33 -29.52 -12.89
C HIS D 47 15.73 -29.21 -13.42
N LEU D 48 16.73 -29.15 -12.51
CA LEU D 48 18.11 -28.88 -12.86
C LEU D 48 18.72 -30.01 -13.70
N ALA D 49 18.34 -31.25 -13.38
CA ALA D 49 18.76 -32.48 -14.07
C ALA D 49 18.31 -32.41 -15.53
N LYS D 50 17.01 -32.13 -15.76
CA LYS D 50 16.39 -32.02 -17.08
C LYS D 50 17.06 -30.95 -17.93
N MET D 51 17.53 -29.84 -17.30
CA MET D 51 18.24 -28.71 -17.92
C MET D 51 19.72 -29.00 -18.21
N GLY D 52 20.20 -30.18 -17.83
CA GLY D 52 21.57 -30.61 -18.05
C GLY D 52 22.61 -29.91 -17.20
N ALA D 53 22.29 -29.69 -15.92
CA ALA D 53 23.21 -29.06 -14.96
C ALA D 53 23.92 -30.13 -14.16
N HIS D 54 25.04 -29.75 -13.53
CA HIS D 54 25.80 -30.56 -12.59
C HIS D 54 25.15 -30.29 -11.25
N VAL D 55 24.76 -31.34 -10.51
CA VAL D 55 24.10 -31.17 -9.21
C VAL D 55 24.79 -31.94 -8.08
N VAL D 56 24.81 -31.35 -6.88
CA VAL D 56 25.31 -31.96 -5.64
C VAL D 56 24.24 -31.66 -4.59
N VAL D 57 23.47 -32.70 -4.24
CA VAL D 57 22.33 -32.62 -3.30
C VAL D 57 22.70 -33.05 -1.88
N THR D 58 22.04 -32.45 -0.88
CA THR D 58 22.27 -32.76 0.54
C THR D 58 20.95 -32.79 1.33
N ALA D 59 20.95 -33.56 2.44
CA ALA D 59 19.90 -33.83 3.45
C ALA D 59 20.51 -34.89 4.37
N ARG D 60 19.88 -35.19 5.51
CA ARG D 60 20.41 -36.17 6.45
C ARG D 60 20.32 -37.65 5.98
N SER D 61 19.28 -38.04 5.21
CA SER D 61 19.06 -39.42 4.75
C SER D 61 19.78 -39.78 3.44
N LYS D 62 20.74 -40.71 3.55
CA LYS D 62 21.61 -41.26 2.51
C LYS D 62 20.80 -41.97 1.42
N GLU D 63 19.83 -42.81 1.83
CA GLU D 63 18.95 -43.61 0.99
C GLU D 63 18.05 -42.75 0.12
N THR D 64 17.45 -41.69 0.71
CA THR D 64 16.60 -40.76 -0.01
C THR D 64 17.41 -39.94 -1.02
N LEU D 65 18.65 -39.55 -0.65
CA LEU D 65 19.55 -38.80 -1.54
C LEU D 65 20.06 -39.64 -2.70
N GLN D 66 20.25 -40.97 -2.49
CA GLN D 66 20.70 -41.93 -3.52
C GLN D 66 19.64 -42.01 -4.64
N LYS D 67 18.36 -42.12 -4.24
CA LYS D 67 17.20 -42.19 -5.12
C LYS D 67 17.03 -40.95 -5.99
N VAL D 68 17.38 -39.78 -5.45
CA VAL D 68 17.26 -38.49 -6.16
C VAL D 68 18.34 -38.38 -7.24
N VAL D 69 19.59 -38.70 -6.89
CA VAL D 69 20.77 -38.68 -7.79
C VAL D 69 20.52 -39.63 -8.98
N SER D 70 20.05 -40.86 -8.69
CA SER D 70 19.73 -41.91 -9.69
C SER D 70 18.72 -41.37 -10.69
N HIS D 71 17.62 -40.77 -10.20
CA HIS D 71 16.60 -40.18 -11.05
C HIS D 71 17.11 -38.91 -11.76
N CYS D 72 18.05 -38.17 -11.14
CA CYS D 72 18.63 -36.99 -11.78
C CYS D 72 19.44 -37.39 -13.00
N LEU D 73 20.24 -38.46 -12.89
CA LEU D 73 21.05 -38.97 -13.99
C LEU D 73 20.16 -39.42 -15.14
N GLU D 74 19.03 -40.10 -14.81
CA GLU D 74 17.99 -40.55 -15.74
C GLU D 74 17.34 -39.38 -16.48
N LEU D 75 17.12 -38.23 -15.78
CA LEU D 75 16.50 -37.03 -16.35
C LEU D 75 17.44 -36.26 -17.29
N GLY D 76 18.73 -36.56 -17.22
CA GLY D 76 19.74 -35.96 -18.09
C GLY D 76 20.68 -34.97 -17.45
N ALA D 77 21.00 -35.14 -16.16
CA ALA D 77 21.94 -34.26 -15.46
C ALA D 77 23.34 -34.50 -16.02
N ALA D 78 24.15 -33.44 -16.13
CA ALA D 78 25.53 -33.51 -16.63
C ALA D 78 26.37 -34.36 -15.68
N SER D 79 25.98 -34.36 -14.38
CA SER D 79 26.53 -35.14 -13.28
C SER D 79 25.59 -35.00 -12.07
N ALA D 80 25.59 -35.99 -11.19
CA ALA D 80 24.77 -35.97 -9.98
C ALA D 80 25.49 -36.68 -8.87
N HIS D 81 25.61 -36.01 -7.72
CA HIS D 81 26.27 -36.51 -6.49
C HIS D 81 25.45 -36.11 -5.24
N TYR D 82 25.73 -36.76 -4.12
CA TYR D 82 25.10 -36.44 -2.83
C TYR D 82 26.12 -36.53 -1.70
N ILE D 83 25.93 -35.74 -0.63
CA ILE D 83 26.74 -35.75 0.57
C ILE D 83 25.74 -35.63 1.71
N ALA D 84 25.49 -36.74 2.43
CA ALA D 84 24.55 -36.76 3.55
C ALA D 84 25.15 -36.20 4.84
N GLY D 85 24.34 -35.48 5.60
CA GLY D 85 24.72 -34.90 6.88
C GLY D 85 23.74 -33.87 7.41
N THR D 86 23.80 -33.59 8.73
CA THR D 86 22.95 -32.60 9.40
C THR D 86 23.52 -31.17 9.31
N MET D 87 22.64 -30.21 8.96
CA MET D 87 22.96 -28.78 8.89
C MET D 87 22.93 -28.12 10.26
N GLU D 88 22.80 -28.95 11.30
CA GLU D 88 22.92 -28.57 12.72
C GLU D 88 24.43 -28.47 13.01
N ASP D 89 25.24 -29.20 12.25
CA ASP D 89 26.70 -29.27 12.34
C ASP D 89 27.30 -28.27 11.35
N MET D 90 27.81 -27.17 11.90
CA MET D 90 28.44 -26.06 11.16
C MET D 90 29.74 -26.50 10.51
N THR D 91 30.39 -27.53 11.08
CA THR D 91 31.62 -28.12 10.51
C THR D 91 31.23 -28.89 9.24
N PHE D 92 30.12 -29.65 9.28
CA PHE D 92 29.62 -30.38 8.13
C PHE D 92 29.24 -29.37 7.03
N ALA D 93 28.44 -28.33 7.38
CA ALA D 93 27.99 -27.27 6.45
C ALA D 93 29.16 -26.64 5.68
N GLU D 94 30.27 -26.35 6.38
CA GLU D 94 31.48 -25.75 5.83
C GLU D 94 32.25 -26.73 4.90
N GLN D 95 32.40 -27.99 5.33
CA GLN D 95 33.12 -29.01 4.58
C GLN D 95 32.37 -29.49 3.37
N PHE D 96 31.02 -29.52 3.46
CA PHE D 96 30.13 -29.95 2.39
C PHE D 96 30.34 -29.13 1.11
N VAL D 97 30.44 -27.79 1.26
CA VAL D 97 30.60 -26.85 0.13
C VAL D 97 31.90 -27.10 -0.64
N ALA D 98 33.01 -27.31 0.14
CA ALA D 98 34.37 -27.59 -0.33
C ALA D 98 34.38 -28.89 -1.11
N GLN D 99 33.73 -29.94 -0.56
CA GLN D 99 33.58 -31.27 -1.14
C GLN D 99 32.75 -31.23 -2.40
N ALA D 100 31.62 -30.48 -2.38
CA ALA D 100 30.71 -30.32 -3.54
C ALA D 100 31.36 -29.59 -4.69
N GLY D 101 32.15 -28.57 -4.37
CA GLY D 101 32.91 -27.79 -5.34
C GLY D 101 34.01 -28.61 -6.01
N LYS D 102 34.68 -29.50 -5.23
CA LYS D 102 35.72 -30.44 -5.67
C LYS D 102 35.13 -31.43 -6.69
N LEU D 103 33.90 -31.92 -6.44
CA LEU D 103 33.17 -32.86 -7.29
C LEU D 103 32.77 -32.26 -8.61
N MET D 104 32.43 -30.96 -8.64
CA MET D 104 31.94 -30.27 -9.81
C MET D 104 32.97 -29.42 -10.55
N GLY D 105 34.08 -29.14 -9.89
CA GLY D 105 35.14 -28.29 -10.42
C GLY D 105 34.77 -26.82 -10.31
N GLY D 106 34.04 -26.48 -9.24
CA GLY D 106 33.58 -25.14 -8.96
C GLY D 106 32.13 -25.07 -8.56
N LEU D 107 31.56 -23.85 -8.58
CA LEU D 107 30.17 -23.58 -8.19
C LEU D 107 29.64 -22.32 -8.83
N ASP D 108 28.45 -22.41 -9.45
CA ASP D 108 27.74 -21.31 -10.11
C ASP D 108 26.49 -20.89 -9.30
N MET D 109 25.81 -21.85 -8.65
CA MET D 109 24.60 -21.55 -7.89
C MET D 109 24.52 -22.32 -6.59
N LEU D 110 24.21 -21.60 -5.50
CA LEU D 110 24.03 -22.17 -4.15
C LEU D 110 22.58 -21.98 -3.77
N ILE D 111 21.81 -23.08 -3.75
CA ILE D 111 20.40 -23.06 -3.39
C ILE D 111 20.25 -23.56 -1.96
N LEU D 112 19.92 -22.63 -1.07
CA LEU D 112 19.75 -22.79 0.37
C LEU D 112 18.27 -22.95 0.63
N ASN D 113 17.86 -24.19 0.91
CA ASN D 113 16.47 -24.60 1.00
C ASN D 113 16.11 -25.35 2.29
N HIS D 114 17.06 -26.10 2.86
CA HIS D 114 16.81 -26.89 4.09
C HIS D 114 16.26 -26.09 5.28
N ILE D 115 15.51 -26.79 6.14
CA ILE D 115 14.93 -26.24 7.35
C ILE D 115 14.85 -27.34 8.38
N THR D 116 14.84 -26.96 9.66
CA THR D 116 14.65 -27.90 10.74
C THR D 116 13.18 -28.29 10.72
N ASN D 117 12.85 -29.54 11.11
CA ASN D 117 11.48 -30.05 11.17
C ASN D 117 10.67 -29.12 12.07
N THR D 118 9.55 -28.60 11.56
CA THR D 118 8.73 -27.67 12.32
C THR D 118 7.26 -27.98 12.15
N SER D 119 6.52 -27.98 13.26
CA SER D 119 5.08 -28.20 13.30
C SER D 119 4.38 -26.89 13.65
N LEU D 120 3.09 -26.76 13.30
CA LEU D 120 2.28 -25.59 13.64
C LEU D 120 1.85 -25.73 15.08
N ASN D 121 2.33 -24.84 15.94
CA ASN D 121 2.05 -24.85 17.38
C ASN D 121 2.16 -23.47 17.96
N LEU D 122 1.37 -23.18 19.01
CA LEU D 122 1.49 -21.90 19.72
C LEU D 122 2.79 -21.95 20.51
N PHE D 123 3.45 -20.80 20.65
CA PHE D 123 4.68 -20.70 21.39
C PHE D 123 4.36 -20.56 22.86
N HIS D 124 5.06 -21.36 23.68
CA HIS D 124 4.92 -21.32 25.13
C HIS D 124 6.27 -21.16 25.80
N ASP D 125 7.18 -22.14 25.64
CA ASP D 125 8.49 -22.09 26.29
C ASP D 125 9.60 -22.89 25.59
N ASP D 126 9.33 -23.45 24.39
CA ASP D 126 10.32 -24.24 23.65
C ASP D 126 11.47 -23.39 23.05
N ILE D 127 12.41 -23.00 23.91
CA ILE D 127 13.60 -22.20 23.55
C ILE D 127 14.58 -23.04 22.71
N HIS D 128 14.57 -24.38 22.93
CA HIS D 128 15.38 -25.34 22.20
C HIS D 128 14.99 -25.27 20.71
N HIS D 129 13.69 -25.20 20.42
CA HIS D 129 13.14 -25.08 19.05
C HIS D 129 13.41 -23.70 18.46
N VAL D 130 13.44 -22.65 19.29
CA VAL D 130 13.75 -21.28 18.82
C VAL D 130 15.22 -21.22 18.37
N ARG D 131 16.14 -21.71 19.23
CA ARG D 131 17.57 -21.79 18.98
C ARG D 131 17.89 -22.69 17.79
N LYS D 132 17.28 -23.89 17.70
CA LYS D 132 17.53 -24.83 16.62
C LYS D 132 17.04 -24.28 15.26
N SER D 133 15.90 -23.55 15.26
CA SER D 133 15.38 -22.91 14.06
C SER D 133 16.35 -21.85 13.58
N MET D 134 16.89 -21.03 14.49
CA MET D 134 17.89 -20.01 14.14
C MET D 134 19.17 -20.65 13.60
N GLU D 135 19.64 -21.74 14.24
CA GLU D 135 20.85 -22.45 13.83
C GLU D 135 20.74 -23.12 12.44
N VAL D 136 19.68 -23.89 12.22
CA VAL D 136 19.49 -24.64 10.97
C VAL D 136 18.92 -23.78 9.88
N ASN D 137 17.87 -23.03 10.17
CA ASN D 137 17.23 -22.23 9.13
C ASN D 137 17.99 -20.96 8.77
N PHE D 138 18.82 -20.45 9.67
CA PHE D 138 19.51 -19.20 9.37
C PHE D 138 21.05 -19.27 9.47
N LEU D 139 21.61 -19.72 10.58
CA LEU D 139 23.06 -19.71 10.76
C LEU D 139 23.82 -20.61 9.79
N SER D 140 23.29 -21.80 9.50
CA SER D 140 23.93 -22.71 8.53
C SER D 140 23.98 -22.08 7.15
N TYR D 141 22.98 -21.24 6.79
CA TYR D 141 22.89 -20.53 5.52
C TYR D 141 24.04 -19.55 5.39
N VAL D 142 24.39 -18.87 6.50
CA VAL D 142 25.51 -17.92 6.60
C VAL D 142 26.85 -18.71 6.46
N VAL D 143 26.98 -19.86 7.19
CA VAL D 143 28.15 -20.76 7.16
C VAL D 143 28.40 -21.30 5.73
N LEU D 144 27.32 -21.72 5.07
CA LEU D 144 27.32 -22.22 3.69
C LEU D 144 27.72 -21.14 2.70
N THR D 145 27.25 -19.89 2.91
CA THR D 145 27.56 -18.71 2.10
C THR D 145 29.07 -18.35 2.20
N VAL D 146 29.62 -18.27 3.43
CA VAL D 146 31.04 -17.94 3.70
C VAL D 146 31.96 -18.95 2.99
N ALA D 147 31.61 -20.25 3.04
CA ALA D 147 32.35 -21.33 2.39
C ALA D 147 32.24 -21.28 0.86
N ALA D 148 31.05 -20.93 0.33
CA ALA D 148 30.75 -20.87 -1.11
C ALA D 148 31.18 -19.60 -1.83
N LEU D 149 31.33 -18.46 -1.12
CA LEU D 149 31.66 -17.16 -1.71
C LEU D 149 32.94 -17.14 -2.59
N PRO D 150 34.12 -17.70 -2.17
CA PRO D 150 35.29 -17.65 -3.08
C PRO D 150 35.02 -18.26 -4.47
N MET D 151 34.34 -19.43 -4.53
CA MET D 151 33.95 -20.11 -5.79
C MET D 151 32.94 -19.31 -6.60
N LEU D 152 31.93 -18.71 -5.92
CA LEU D 152 30.88 -17.89 -6.56
C LEU D 152 31.41 -16.57 -7.09
N LYS D 153 32.46 -16.01 -6.42
CA LYS D 153 33.13 -14.76 -6.82
C LYS D 153 33.83 -15.00 -8.14
N GLN D 154 34.48 -16.17 -8.27
CA GLN D 154 35.20 -16.64 -9.43
C GLN D 154 34.27 -16.85 -10.64
N SER D 155 33.09 -17.44 -10.41
CA SER D 155 32.11 -17.73 -11.47
C SER D 155 31.07 -16.64 -11.68
N ASN D 156 31.08 -15.56 -10.84
CA ASN D 156 30.10 -14.48 -10.86
C ASN D 156 28.71 -15.15 -10.70
N GLY D 157 28.64 -16.04 -9.72
CA GLY D 157 27.49 -16.88 -9.43
C GLY D 157 26.30 -16.29 -8.70
N SER D 158 25.43 -17.18 -8.22
CA SER D 158 24.18 -16.85 -7.55
C SER D 158 23.97 -17.60 -6.21
N ILE D 159 23.36 -16.89 -5.24
CA ILE D 159 22.91 -17.44 -3.97
C ILE D 159 21.38 -17.35 -4.05
N VAL D 160 20.70 -18.48 -3.79
CA VAL D 160 19.24 -18.59 -3.81
C VAL D 160 18.81 -19.00 -2.42
N VAL D 161 18.06 -18.13 -1.73
CA VAL D 161 17.61 -18.27 -0.35
C VAL D 161 16.10 -18.56 -0.32
N VAL D 162 15.73 -19.80 0.00
CA VAL D 162 14.34 -20.20 0.08
C VAL D 162 13.72 -19.76 1.42
N SER D 163 12.72 -18.89 1.33
CA SER D 163 12.01 -18.29 2.47
C SER D 163 10.51 -18.55 2.34
N SER D 164 9.68 -17.82 3.10
CA SER D 164 8.24 -17.97 3.17
C SER D 164 7.56 -16.62 3.25
N LEU D 165 6.21 -16.58 3.12
CA LEU D 165 5.39 -15.38 3.33
C LEU D 165 5.52 -15.02 4.80
N ALA D 166 5.75 -16.04 5.64
CA ALA D 166 5.96 -15.93 7.08
C ALA D 166 7.31 -15.30 7.40
N GLY D 167 8.09 -15.00 6.36
CA GLY D 167 9.35 -14.27 6.41
C GLY D 167 9.22 -12.86 5.86
N LYS D 168 7.95 -12.41 5.62
CA LYS D 168 7.60 -11.07 5.14
C LYS D 168 6.43 -10.48 5.99
N VAL D 169 5.46 -11.31 6.36
CA VAL D 169 4.30 -10.92 7.16
C VAL D 169 4.19 -11.87 8.38
N ALA D 170 3.36 -11.51 9.38
CA ALA D 170 3.15 -12.28 10.60
C ALA D 170 2.01 -13.27 10.49
N TYR D 171 2.20 -14.44 11.09
CA TYR D 171 1.26 -15.56 11.15
C TYR D 171 1.34 -16.14 12.55
N PRO D 172 0.26 -16.73 13.11
CA PRO D 172 0.39 -17.39 14.40
C PRO D 172 0.92 -18.81 14.17
N MET D 173 1.28 -19.53 15.26
CA MET D 173 1.72 -20.93 15.29
C MET D 173 3.08 -21.22 14.60
N VAL D 174 3.82 -20.16 14.15
CA VAL D 174 5.14 -20.24 13.47
C VAL D 174 6.18 -19.21 13.98
N ALA D 175 6.14 -18.84 15.26
CA ALA D 175 7.04 -17.77 15.78
C ALA D 175 8.51 -18.05 15.56
N ALA D 176 9.04 -19.17 16.11
CA ALA D 176 10.46 -19.57 16.00
C ALA D 176 10.93 -19.64 14.55
N TYR D 177 10.12 -20.28 13.71
CA TYR D 177 10.32 -20.44 12.27
C TYR D 177 10.34 -19.11 11.50
N SER D 178 9.38 -18.21 11.79
CA SER D 178 9.25 -16.92 11.12
C SER D 178 10.41 -15.99 11.48
N ALA D 179 10.86 -16.02 12.74
CA ALA D 179 12.03 -15.28 13.23
C ALA D 179 13.26 -15.62 12.40
N SER D 180 13.43 -16.92 12.09
CA SER D 180 14.51 -17.45 11.27
C SER D 180 14.39 -17.07 9.80
N LYS D 181 13.16 -16.85 9.27
CA LYS D 181 12.90 -16.48 7.85
C LYS D 181 13.03 -14.98 7.66
N PHE D 182 12.55 -14.18 8.65
CA PHE D 182 12.70 -12.73 8.73
C PHE D 182 14.23 -12.43 8.89
N ALA D 183 14.96 -13.26 9.69
CA ALA D 183 16.42 -13.11 9.89
C ALA D 183 17.21 -13.23 8.57
N LEU D 184 16.78 -14.16 7.69
CA LEU D 184 17.37 -14.37 6.36
C LEU D 184 17.24 -13.12 5.50
N ASP D 185 16.08 -12.46 5.54
CA ASP D 185 15.81 -11.24 4.76
C ASP D 185 16.76 -10.12 5.20
N GLY D 186 16.82 -9.86 6.50
CA GLY D 186 17.72 -8.86 7.08
C GLY D 186 19.17 -9.07 6.72
N PHE D 187 19.65 -10.31 6.90
CA PHE D 187 21.04 -10.67 6.62
C PHE D 187 21.39 -10.57 5.12
N PHE D 188 20.71 -11.36 4.28
CA PHE D 188 21.02 -11.42 2.86
C PHE D 188 20.68 -10.12 2.07
N SER D 189 19.70 -9.33 2.52
CA SER D 189 19.41 -8.05 1.88
C SER D 189 20.52 -7.04 2.21
N SER D 190 21.12 -7.15 3.42
CA SER D 190 22.22 -6.31 3.85
C SER D 190 23.52 -6.62 3.07
N ILE D 191 23.91 -7.90 2.96
CA ILE D 191 25.11 -8.31 2.21
C ILE D 191 24.95 -8.04 0.70
N ARG D 192 23.70 -8.00 0.16
CA ARG D 192 23.45 -7.68 -1.26
C ARG D 192 23.88 -6.24 -1.57
N LYS D 193 23.60 -5.30 -0.62
CA LYS D 193 23.97 -3.89 -0.70
C LYS D 193 25.48 -3.74 -0.59
N GLU D 194 26.12 -4.55 0.27
CA GLU D 194 27.58 -4.59 0.49
C GLU D 194 28.28 -5.10 -0.77
N TYR D 195 27.72 -6.14 -1.43
CA TYR D 195 28.27 -6.72 -2.66
C TYR D 195 28.16 -5.73 -3.84
N SER D 196 27.10 -4.90 -3.85
CA SER D 196 26.85 -3.88 -4.88
C SER D 196 27.97 -2.82 -4.90
N VAL D 197 28.37 -2.33 -3.71
CA VAL D 197 29.39 -1.31 -3.52
C VAL D 197 30.81 -1.87 -3.60
N SER D 198 31.05 -3.07 -3.05
CA SER D 198 32.38 -3.72 -3.07
C SER D 198 32.59 -4.53 -4.36
N ARG D 199 31.71 -4.28 -5.36
CA ARG D 199 31.66 -4.84 -6.71
C ARG D 199 31.89 -6.38 -6.74
N VAL D 200 31.15 -7.11 -5.87
CA VAL D 200 31.15 -8.58 -5.81
C VAL D 200 29.98 -8.95 -6.72
N ASN D 201 30.27 -9.62 -7.84
CA ASN D 201 29.22 -9.96 -8.81
C ASN D 201 28.52 -11.30 -8.49
N VAL D 202 27.96 -11.40 -7.26
CA VAL D 202 27.22 -12.56 -6.77
C VAL D 202 25.79 -12.10 -6.47
N SER D 203 24.79 -12.63 -7.21
CA SER D 203 23.39 -12.26 -7.00
C SER D 203 22.79 -12.99 -5.79
N ILE D 204 21.78 -12.36 -5.15
CA ILE D 204 21.08 -12.93 -4.01
C ILE D 204 19.59 -12.92 -4.30
N THR D 205 18.97 -14.11 -4.42
CA THR D 205 17.54 -14.27 -4.69
C THR D 205 16.83 -14.76 -3.43
N LEU D 206 15.93 -13.93 -2.87
CA LEU D 206 15.13 -14.32 -1.71
C LEU D 206 13.78 -14.77 -2.26
N CYS D 207 13.43 -16.04 -2.00
CA CYS D 207 12.19 -16.64 -2.50
C CYS D 207 11.13 -16.67 -1.42
N VAL D 208 10.05 -15.93 -1.62
CA VAL D 208 8.95 -15.78 -0.67
C VAL D 208 7.82 -16.67 -1.14
N LEU D 209 7.66 -17.84 -0.50
CA LEU D 209 6.65 -18.82 -0.89
C LEU D 209 5.50 -18.96 0.06
N GLY D 210 4.34 -19.27 -0.53
CA GLY D 210 3.09 -19.55 0.16
C GLY D 210 2.95 -21.04 0.39
N LEU D 211 1.74 -21.53 0.70
CA LEU D 211 1.50 -22.96 0.97
C LEU D 211 1.78 -23.85 -0.27
N ILE D 212 2.75 -24.77 -0.15
CA ILE D 212 3.17 -25.69 -1.21
C ILE D 212 2.72 -27.11 -0.87
N ASP D 213 2.25 -27.90 -1.88
CA ASP D 213 1.71 -29.25 -1.68
C ASP D 213 2.76 -30.33 -1.34
N THR D 214 3.75 -30.00 -0.49
CA THR D 214 4.74 -30.98 -0.07
C THR D 214 4.11 -31.81 1.03
N GLU D 215 4.50 -33.09 1.15
CA GLU D 215 3.97 -34.02 2.14
C GLU D 215 4.00 -33.49 3.56
N THR D 216 5.17 -32.94 4.00
CA THR D 216 5.40 -32.39 5.33
C THR D 216 4.46 -31.20 5.61
N ALA D 217 4.35 -30.24 4.66
CA ALA D 217 3.46 -29.08 4.81
C ALA D 217 1.99 -29.46 4.89
N MET D 218 1.55 -30.37 4.03
CA MET D 218 0.16 -30.80 3.97
C MET D 218 -0.29 -31.51 5.23
N LYS D 219 0.65 -32.23 5.87
CA LYS D 219 0.43 -32.93 7.13
C LYS D 219 0.40 -31.89 8.26
N ALA D 220 1.29 -30.86 8.18
CA ALA D 220 1.40 -29.79 9.18
C ALA D 220 0.14 -28.93 9.31
N VAL D 221 -0.53 -28.59 8.18
CA VAL D 221 -1.74 -27.74 8.15
C VAL D 221 -3.03 -28.51 8.35
N SER D 222 -2.98 -29.86 8.19
CA SER D 222 -4.13 -30.76 8.32
C SER D 222 -4.92 -30.51 9.61
N GLY D 223 -6.16 -30.02 9.44
CA GLY D 223 -7.10 -29.71 10.51
C GLY D 223 -6.85 -28.45 11.29
N ILE D 224 -5.80 -27.69 10.93
CA ILE D 224 -5.40 -26.45 11.61
C ILE D 224 -5.60 -25.27 10.66
N VAL D 225 -4.94 -25.34 9.50
CA VAL D 225 -5.01 -24.31 8.47
C VAL D 225 -5.76 -24.86 7.28
N HIS D 226 -6.62 -24.05 6.71
CA HIS D 226 -7.27 -24.52 5.52
C HIS D 226 -7.18 -23.45 4.45
N MET D 227 -6.23 -23.67 3.57
CA MET D 227 -5.95 -22.78 2.46
C MET D 227 -5.49 -23.58 1.28
N GLN D 228 -5.54 -22.95 0.10
CA GLN D 228 -5.12 -23.56 -1.17
C GLN D 228 -3.60 -23.79 -1.18
N ALA D 229 -3.19 -25.00 -1.63
CA ALA D 229 -1.80 -25.39 -1.76
C ALA D 229 -1.36 -25.33 -3.21
N ALA D 230 -0.25 -24.65 -3.48
CA ALA D 230 0.33 -24.50 -4.81
C ALA D 230 1.18 -25.75 -5.19
N PRO D 231 1.30 -26.14 -6.49
CA PRO D 231 2.11 -27.33 -6.82
C PRO D 231 3.62 -27.13 -6.68
N LYS D 232 4.28 -28.10 -5.99
CA LYS D 232 5.72 -28.15 -5.68
C LYS D 232 6.63 -28.15 -6.90
N GLU D 233 6.17 -28.77 -8.01
CA GLU D 233 6.92 -28.90 -9.27
C GLU D 233 7.15 -27.51 -9.86
N GLU D 234 6.06 -26.72 -10.00
CA GLU D 234 6.05 -25.37 -10.53
C GLU D 234 6.83 -24.42 -9.62
N CYS D 235 6.65 -24.58 -8.28
CA CYS D 235 7.33 -23.80 -7.24
C CYS D 235 8.85 -23.84 -7.42
N ALA D 236 9.40 -25.07 -7.47
CA ALA D 236 10.79 -25.40 -7.69
C ALA D 236 11.36 -24.73 -8.93
N LEU D 237 10.56 -24.64 -10.01
CA LEU D 237 10.95 -24.04 -11.29
C LEU D 237 11.02 -22.52 -11.18
N GLU D 238 10.04 -21.90 -10.48
CA GLU D 238 9.98 -20.45 -10.30
C GLU D 238 11.18 -19.92 -9.50
N ILE D 239 11.68 -20.75 -8.57
CA ILE D 239 12.87 -20.49 -7.74
C ILE D 239 14.11 -20.47 -8.64
N ILE D 240 14.28 -21.55 -9.45
CA ILE D 240 15.37 -21.71 -10.41
C ILE D 240 15.38 -20.55 -11.40
N LYS D 241 14.18 -20.20 -11.91
CA LYS D 241 13.93 -19.08 -12.84
C LYS D 241 14.48 -17.77 -12.29
N GLY D 242 14.12 -17.46 -11.04
CA GLY D 242 14.53 -16.23 -10.37
C GLY D 242 16.02 -16.15 -10.15
N GLY D 243 16.61 -17.27 -9.71
CA GLY D 243 18.04 -17.41 -9.48
C GLY D 243 18.85 -17.14 -10.73
N ALA D 244 18.46 -17.82 -11.84
CA ALA D 244 19.09 -17.69 -13.16
C ALA D 244 18.96 -16.27 -13.72
N LEU D 245 17.79 -15.62 -13.51
CA LEU D 245 17.52 -14.25 -13.94
C LEU D 245 18.13 -13.20 -13.01
N ARG D 246 18.83 -13.67 -11.95
CA ARG D 246 19.53 -12.88 -10.94
C ARG D 246 18.60 -11.85 -10.23
N GLN D 247 17.31 -12.22 -10.12
CA GLN D 247 16.27 -11.40 -9.49
C GLN D 247 16.54 -11.34 -8.00
N GLU D 248 16.28 -10.17 -7.41
CA GLU D 248 16.49 -9.92 -6.00
C GLU D 248 15.53 -10.73 -5.15
N GLU D 249 14.27 -10.82 -5.61
CA GLU D 249 13.20 -11.53 -4.92
C GLU D 249 12.26 -12.24 -5.86
N VAL D 250 11.81 -13.42 -5.46
CA VAL D 250 10.87 -14.27 -6.18
C VAL D 250 9.66 -14.47 -5.27
N TYR D 251 8.46 -14.25 -5.81
CA TYR D 251 7.20 -14.42 -5.09
C TYR D 251 6.36 -15.55 -5.71
N TYR D 252 5.99 -16.54 -4.88
CA TYR D 252 5.19 -17.68 -5.34
C TYR D 252 4.11 -18.07 -4.35
N ASP D 253 2.83 -17.90 -4.74
CA ASP D 253 1.65 -18.24 -3.94
C ASP D 253 0.43 -18.55 -4.83
N SER D 254 -0.57 -19.30 -4.27
CA SER D 254 -1.82 -19.67 -4.94
C SER D 254 -2.68 -18.48 -5.32
N SER D 255 -2.96 -17.58 -4.35
CA SER D 255 -3.77 -16.37 -4.53
C SER D 255 -3.06 -15.33 -5.42
N ARG D 256 -3.86 -14.70 -6.31
CA ARG D 256 -3.39 -13.67 -7.22
C ARG D 256 -3.22 -12.36 -6.45
N TRP D 257 -3.98 -12.19 -5.36
CA TRP D 257 -3.93 -11.02 -4.49
C TRP D 257 -2.62 -10.93 -3.70
N THR D 258 -2.10 -12.08 -3.21
CA THR D 258 -0.84 -12.16 -2.46
C THR D 258 0.26 -11.50 -3.25
N THR D 259 0.43 -11.93 -4.51
CA THR D 259 1.42 -11.39 -5.45
C THR D 259 1.31 -9.85 -5.56
N LEU D 260 0.07 -9.33 -5.54
CA LEU D 260 -0.24 -7.89 -5.58
C LEU D 260 0.19 -7.11 -4.36
N LEU D 261 -0.14 -7.62 -3.14
CA LEU D 261 0.16 -6.96 -1.87
C LEU D 261 1.52 -7.25 -1.21
N ILE D 262 2.18 -8.36 -1.58
CA ILE D 262 3.42 -8.82 -0.94
C ILE D 262 4.64 -7.91 -1.17
N ARG D 263 4.70 -7.26 -2.33
CA ARG D 263 5.80 -6.38 -2.68
C ARG D 263 5.73 -5.11 -1.86
N ASN D 264 6.89 -4.61 -1.43
CA ASN D 264 6.96 -3.41 -0.62
C ASN D 264 7.71 -2.33 -1.41
N PRO D 265 6.99 -1.53 -2.22
CA PRO D 265 7.66 -0.48 -3.01
C PRO D 265 8.33 0.61 -2.12
N CYS D 266 7.69 0.95 -1.00
CA CYS D 266 8.17 1.95 -0.04
C CYS D 266 9.48 1.57 0.63
N ARG D 267 9.75 0.27 0.82
CA ARG D 267 10.98 -0.24 1.41
C ARG D 267 12.18 0.10 0.51
N LYS D 268 12.07 -0.19 -0.78
CA LYS D 268 13.13 0.07 -1.76
C LYS D 268 13.41 1.58 -1.93
N ILE D 269 12.34 2.39 -1.87
CA ILE D 269 12.43 3.85 -1.92
C ILE D 269 13.20 4.37 -0.70
N LEU D 270 12.82 3.89 0.51
CA LEU D 270 13.52 4.26 1.75
C LEU D 270 14.99 3.86 1.72
N GLU D 271 15.31 2.63 1.25
CA GLU D 271 16.68 2.11 1.12
C GLU D 271 17.55 2.99 0.19
N GLU D 272 16.95 3.49 -0.92
CA GLU D 272 17.59 4.36 -1.89
C GLU D 272 17.95 5.72 -1.26
N LEU D 273 17.04 6.30 -0.46
CA LEU D 273 17.25 7.61 0.18
C LEU D 273 18.33 7.58 1.26
N TYR D 274 18.47 6.44 1.96
CA TYR D 274 19.48 6.25 3.00
C TYR D 274 20.87 5.98 2.40
N SER D 275 20.95 5.40 1.17
CA SER D 275 22.22 5.06 0.50
C SER D 275 23.17 6.27 0.29
N THR D 276 22.59 7.48 0.34
CA THR D 276 23.30 8.74 0.17
C THR D 276 23.98 9.20 1.48
N SER D 277 23.46 8.74 2.63
CA SER D 277 23.97 9.11 3.96
C SER D 277 25.19 8.29 4.44
N TYR D 278 25.65 7.29 3.67
CA TYR D 278 26.83 6.52 4.08
C TYR D 278 27.94 6.51 3.02
N ASN D 279 29.18 6.63 3.55
CA ASN D 279 30.49 6.69 2.92
C ASN D 279 31.15 5.32 3.08
N MET D 280 31.38 4.62 1.94
CA MET D 280 32.00 3.29 1.93
C MET D 280 33.52 3.33 1.81
N ASP D 281 34.06 4.54 1.60
CA ASP D 281 35.49 4.84 1.44
C ASP D 281 36.18 4.67 2.82
N ARG D 282 36.33 3.40 3.22
CA ARG D 282 36.88 2.94 4.50
C ARG D 282 37.09 1.43 4.36
N PHE D 283 36.22 0.78 3.56
CA PHE D 283 36.22 -0.66 3.30
C PHE D 283 36.33 -0.94 1.79
PA NAP E . -32.43 8.94 -1.50
O1A NAP E . -33.24 8.36 -0.41
O2A NAP E . -32.76 8.38 -2.88
O5B NAP E . -32.60 10.53 -1.49
C5B NAP E . -32.21 11.40 -2.56
C4B NAP E . -32.54 12.80 -2.12
O4B NAP E . -32.19 13.76 -3.15
C3B NAP E . -34.03 13.01 -1.83
O3B NAP E . -34.25 13.96 -0.79
C2B NAP E . -34.52 13.55 -3.16
O2B NAP E . -35.77 14.24 -2.97
C1B NAP E . -33.36 14.44 -3.58
N9A NAP E . -33.24 14.74 -5.01
C8A NAP E . -33.42 13.88 -6.06
N7A NAP E . -33.32 14.44 -7.24
C5A NAP E . -33.04 15.76 -6.95
C6A NAP E . -32.86 16.91 -7.77
N6A NAP E . -32.96 16.89 -9.11
N1A NAP E . -32.66 18.09 -7.16
C2A NAP E . -32.64 18.14 -5.81
N3A NAP E . -32.76 17.13 -4.94
C4A NAP E . -32.98 15.97 -5.58
O3 NAP E . -30.84 8.72 -1.44
PN NAP E . -29.83 8.08 -0.38
O1N NAP E . -29.73 6.62 -0.61
O2N NAP E . -30.17 8.57 0.96
O5D NAP E . -28.43 8.72 -0.86
C5D NAP E . -27.92 9.94 -0.32
C4D NAP E . -26.46 10.05 -0.72
O4D NAP E . -25.74 8.85 -0.33
C3D NAP E . -26.21 10.20 -2.22
O3D NAP E . -25.14 11.12 -2.46
C2D NAP E . -25.84 8.78 -2.62
O2D NAP E . -25.00 8.74 -3.77
C1D NAP E . -24.96 8.36 -1.40
N1N NAP E . -24.84 6.82 -1.33
C2N NAP E . -25.97 6.07 -1.01
C3N NAP E . -25.95 4.70 -1.09
C7N NAP E . -27.13 3.85 -0.69
O7N NAP E . -27.12 2.63 -0.95
N7N NAP E . -28.16 4.45 -0.09
C4N NAP E . -24.77 4.07 -1.50
C5N NAP E . -23.65 4.83 -1.79
C6N NAP E . -23.70 6.20 -1.70
P2B NAP E . -36.75 14.74 -4.12
O1X NAP E . -36.15 15.92 -4.85
O2X NAP E . -37.04 13.56 -5.04
O3X NAP E . -37.96 15.09 -3.22
HOA2 NAP E . -32.53 8.69 -3.79
H51A NAP E . -31.13 11.27 -2.64
H52A NAP E . -32.67 11.13 -3.51
H4B NAP E . -31.91 13.08 -1.28
H3B NAP E . -34.51 12.07 -1.60
HO3A NAP E . -34.01 13.48 0.05
H2B NAP E . -34.68 12.70 -3.84
H1B NAP E . -33.38 15.39 -3.06
H8A NAP E . -33.63 12.82 -5.93
H61A NAP E . -33.16 16.03 -9.60
H62A NAP E . -32.85 17.73 -9.66
H2A NAP E . -32.51 19.12 -5.37
H51N NAP E . -28.03 10.05 0.76
H52N NAP E . -28.52 10.72 -0.77
H4D NAP E . -25.99 10.87 -0.18
H3D NAP E . -27.10 10.50 -2.77
HO3N NAP E . -25.57 12.01 -2.56
H2D NAP E . -26.70 8.14 -2.77
HO2N NAP E . -25.57 8.57 -4.56
H1D NAP E . -23.96 8.77 -1.35
H2N NAP E . -26.86 6.62 -0.72
H71N NAP E . -28.97 3.90 0.19
H72N NAP E . -28.24 5.42 0.16
H4N NAP E . -24.71 3.00 -1.64
H5N NAP E . -22.71 4.35 -2.09
H6N NAP E . -22.83 6.80 -1.95
HOP2 NAP E . -37.89 13.06 -4.87
HOP3 NAP E . -38.20 14.59 -2.39
C13 HJG F . -23.40 -2.38 -6.21
C18 HJG F . -23.94 2.05 -4.40
C17 HJG F . -21.59 1.18 -3.66
C16 HJG F . -22.60 0.43 -2.86
C15 HJG F . -27.86 4.72 -5.15
C22 HJG F . -27.57 5.10 -6.60
C23 HJG F . -27.40 5.79 -4.18
C11 HJG F . -23.19 -0.58 -7.77
C12 HJG F . -23.36 -1.91 -7.50
CL1 HJG F . -23.53 -3.03 -8.83
C2 HJG F . -27.24 3.36 -4.82
C3 HJG F . -28.02 2.23 -4.65
C4 HJG F . -27.46 0.98 -4.32
C5 HJG F . -26.13 0.83 -4.22
N6 HJG F . -25.31 1.93 -4.42
C7 HJG F . -25.82 3.19 -4.69
C8 HJG F . -22.97 0.91 -4.26
C9 HJG F . -23.09 -0.11 -5.40
C10 HJG F . -23.05 0.32 -6.72
C14 HJG F . -23.27 -1.48 -5.16
N19 HJG F . -23.62 3.30 -4.62
N20 HJG F . -24.79 4.03 -4.82
O21 HJG F . -29.28 4.61 -5.01
H35 HJG F . -23.52 -3.45 -6.01
H40 HJG F . -21.31 2.19 -3.36
H39 HJG F . -20.72 0.67 -4.04
H37 HJG F . -22.43 -0.61 -2.62
H38 HJG F . -23.11 0.90 -2.02
H24 HJG F . -27.91 4.34 -7.29
H25 HJG F . -26.50 5.24 -6.79
H26 HJG F . -28.06 6.03 -6.90
H29 HJG F . -27.90 6.74 -4.33
H27 HJG F . -26.33 6.01 -4.23
H28 HJG F . -27.62 5.49 -3.16
H34 HJG F . -23.21 -0.23 -8.80
H30 HJG F . -29.10 2.26 -4.80
H31 HJG F . -28.14 0.15 -4.10
H32 HJG F . -25.66 -0.12 -3.99
H33 HJG F . -22.89 1.37 -6.95
H36 HJG F . -23.34 -1.87 -4.15
H41 HJG F . -29.69 5.48 -5.25
PA NAP G . -1.71 19.50 -26.81
O1A NAP G . -0.35 19.51 -27.42
O2A NAP G . -2.11 20.84 -26.21
O5B NAP G . -2.82 19.17 -27.90
C5B NAP G . -4.26 19.26 -27.70
C4B NAP G . -4.95 18.62 -28.87
O4B NAP G . -6.39 18.75 -28.73
C3B NAP G . -4.62 19.28 -30.21
O3B NAP G . -4.78 18.36 -31.28
C2B NAP G . -5.66 20.41 -30.22
O2B NAP G . -5.77 21.00 -31.53
C1B NAP G . -6.88 19.65 -29.71
N9A NAP G . -8.01 20.38 -29.15
C8A NAP G . -8.00 21.52 -28.40
N7A NAP G . -9.19 22.00 -28.13
C5A NAP G . -10.05 21.11 -28.74
C6A NAP G . -11.46 21.10 -28.90
N6A NAP G . -12.28 22.06 -28.44
N1A NAP G . -12.00 20.10 -29.63
C2A NAP G . -11.19 19.19 -30.20
N3A NAP G . -9.86 19.10 -30.12
C4A NAP G . -9.34 20.10 -29.39
O3 NAP G . -1.99 18.34 -25.75
PN NAP G . -1.14 17.10 -25.22
O1N NAP G . -0.17 17.64 -24.23
O2N NAP G . -0.62 16.32 -26.37
O5D NAP G . -2.25 16.27 -24.43
C5D NAP G . -2.90 15.12 -25.05
C4D NAP G . -3.57 14.28 -23.99
O4D NAP G . -2.59 13.86 -23.01
C3D NAP G . -4.65 15.00 -23.20
O3D NAP G . -5.76 14.14 -22.98
C2D NAP G . -3.90 15.38 -21.92
O2D NAP G . -4.77 15.48 -20.80
C1D NAP G . -3.01 14.12 -21.70
N1N NAP G . -1.79 14.43 -20.81
C2N NAP G . -0.78 15.31 -21.27
C3N NAP G . 0.20 15.76 -20.39
C7N NAP G . 1.31 16.70 -20.80
O7N NAP G . 2.08 17.13 -19.94
N7N NAP G . 1.41 17.06 -22.08
C4N NAP G . 0.17 15.31 -19.08
C5N NAP G . -0.80 14.42 -18.66
C6N NAP G . -1.77 13.98 -19.54
P2B NAP G . -6.87 22.06 -32.00
O1X NAP G . -8.21 21.47 -32.02
O2X NAP G . -6.78 23.27 -31.06
O3X NAP G . -6.40 22.40 -33.41
HOA2 NAP G . -3.00 21.24 -26.03
H51A NAP G . -4.43 18.67 -26.80
H52A NAP G . -4.58 20.27 -27.51
H4B NAP G . -4.79 17.54 -28.90
H3B NAP G . -3.61 19.67 -30.21
HO3A NAP G . -3.87 18.06 -31.53
H2B NAP G . -5.35 21.18 -29.52
H1B NAP G . -7.29 19.01 -30.50
H8A NAP G . -7.07 21.99 -28.05
H61A NAP G . -11.91 22.86 -27.94
H62A NAP G . -13.28 22.02 -28.58
H2A NAP G . -11.66 18.44 -30.83
H51N NAP G . -2.24 14.50 -25.66
H52N NAP G . -3.61 15.57 -25.73
H4D NAP G . -3.96 13.37 -24.43
H3D NAP G . -4.99 15.91 -23.69
HO3N NAP G . -6.31 14.18 -23.80
H2D NAP G . -3.31 16.29 -22.03
HO2N NAP G . -5.15 16.40 -20.79
H1D NAP G . -3.51 13.23 -21.30
H2N NAP G . -0.83 15.63 -22.30
H71N NAP G . 2.16 17.68 -22.39
H72N NAP G . 0.80 16.78 -22.84
H4N NAP G . 0.89 15.67 -18.33
H5N NAP G . -0.86 14.10 -17.62
H6N NAP G . -2.53 13.29 -19.22
HOP2 NAP G . -5.97 23.85 -31.13
HOP3 NAP G . -5.49 22.24 -33.76
C13 HJG H . 1.54 19.38 -12.00
C18 HJG H . -0.39 17.20 -15.84
C17 HJG H . 0.11 15.37 -14.09
C16 HJG H . 1.43 15.80 -14.63
C15 HJG H . -2.15 19.55 -19.58
C22 HJG H . -3.46 19.88 -18.89
C23 HJG H . -2.27 18.30 -20.44
C11 HJG H . -0.85 19.45 -12.04
C12 HJG H . 0.35 19.90 -11.55
CL1 HJG H . 0.37 21.09 -10.26
C2 HJG H . -1.00 19.43 -18.56
C3 HJG H . 0.03 20.33 -18.45
C4 HJG H . 1.02 20.21 -17.46
C5 HJG H . 0.96 19.21 -16.54
N6 HJG H . -0.07 18.30 -16.60
C7 HJG H . -1.04 18.35 -17.61
C8 HJG H . 0.29 16.81 -14.55
C9 HJG H . 0.32 17.91 -13.49
C10 HJG H . -0.87 18.45 -13.00
C14 HJG H . 1.52 18.40 -12.97
N19 HJG H . -1.44 16.60 -16.35
N20 HJG H . -1.85 17.32 -17.47
O21 HJG H . -1.84 20.62 -20.47
H35 HJG H . 2.49 19.71 -11.56
H40 HJG H . -0.48 14.67 -14.66
H39 HJG H . 0.01 15.15 -13.03
H37 HJG H . 2.30 15.86 -13.97
H38 HJG H . 1.76 15.49 -15.61
H24 HJG H . -3.55 20.96 -18.75
H25 HJG H . -3.57 19.43 -17.90
H26 HJG H . -4.33 19.56 -19.47
H29 HJG H . -2.97 18.43 -21.25
H27 HJG H . -2.59 17.41 -19.91
H28 HJG H . -1.31 18.06 -20.91
H34 HJG H . -1.78 19.89 -11.68
H30 HJG H . 0.10 21.20 -19.09
H31 HJG H . 1.87 20.89 -17.49
H32 HJG H . 1.69 19.10 -15.74
H33 HJG H . -1.82 18.08 -13.38
H36 HJG H . 2.48 18.04 -13.36
H41 HJG H . -2.62 20.76 -21.08
PA NAP I . 24.00 1.84 24.14
O1A NAP I . 24.21 3.21 24.64
O2A NAP I . 25.22 1.24 23.46
O5B NAP I . 23.85 0.82 25.37
C5B NAP I . 23.71 -0.59 25.22
C4B NAP I . 23.32 -1.15 26.56
O4B NAP I . 23.30 -2.60 26.52
C3B NAP I . 24.28 -0.76 27.69
O3B NAP I . 23.59 -0.53 28.91
C2B NAP I . 25.14 -2.00 27.80
O2B NAP I . 25.76 -2.05 29.10
C1B NAP I . 24.13 -3.10 27.53
N9A NAP I . 24.68 -4.40 27.10
C8A NAP I . 25.68 -4.60 26.19
N7A NAP I . 26.02 -5.86 26.03
C5A NAP I . 25.18 -6.53 26.92
C6A NAP I . 25.09 -7.88 27.30
N6A NAP I . 25.81 -8.87 26.74
N1A NAP I . 24.21 -8.21 28.28
C2A NAP I . 23.46 -7.24 28.81
N3A NAP I . 23.44 -5.94 28.52
C4A NAP I . 24.35 -5.64 27.58
O3 NAP I . 22.70 1.60 23.25
PN NAP I . 21.71 2.53 22.39
O1N NAP I . 22.49 3.15 21.31
O2N NAP I . 20.99 3.43 23.32
O5D NAP I . 20.71 1.47 21.77
C5D NAP I . 19.62 0.93 22.56
C4D NAP I . 18.62 0.22 21.69
O4D NAP I . 18.21 1.08 20.60
C3D NAP I . 19.11 -1.06 21.02
O3D NAP I . 18.09 -2.07 20.96
C2D NAP I . 19.48 -0.56 19.63
O2D NAP I . 19.35 -1.61 18.69
C1D NAP I . 18.32 0.42 19.37
N1N NAP I . 18.68 1.45 18.29
C2N NAP I . 19.65 2.42 18.54
C3N NAP I . 20.00 3.31 17.54
C7N NAP I . 20.95 4.45 17.75
O7N NAP I . 21.27 5.16 16.78
N7N NAP I . 21.42 4.67 18.97
C4N NAP I . 19.37 3.22 16.31
C5N NAP I . 18.38 2.27 16.10
C6N NAP I . 18.05 1.39 17.10
P2B NAP I . 27.00 -2.99 29.45
O1X NAP I . 26.59 -4.38 29.43
O2X NAP I . 28.05 -2.63 28.41
O3X NAP I . 27.38 -2.44 30.82
HOA2 NAP I . 25.34 0.37 22.99
H51A NAP I . 22.89 -0.72 24.51
H52A NAP I . 24.60 -1.06 24.80
H4B NAP I . 22.28 -0.89 26.78
H3B NAP I . 24.88 0.10 27.42
HO3A NAP I . 23.06 0.30 28.78
H2B NAP I . 25.91 -1.94 27.03
H1B NAP I . 23.50 -3.30 28.39
H8A NAP I . 26.19 -3.79 25.66
H61A NAP I . 26.46 -8.67 25.99
H62A NAP I . 25.71 -9.84 27.04
H2A NAP I . 22.78 -7.55 29.59
H51N NAP I . 19.11 1.68 23.18
H52N NAP I . 20.11 0.26 23.26
H4D NAP I . 17.72 0.02 22.25
H3D NAP I . 20.01 -1.48 21.49
HO3N NAP I . 18.27 -2.67 21.73
H2D NAP I . 20.47 -0.10 19.58
HO2N NAP I . 20.25 -2.01 18.55
H1D NAP I . 17.36 -0.01 19.11
H2N NAP I . 20.14 2.42 19.50
H71N NAP I . 22.05 5.44 19.13
H72N NAP I . 21.19 4.14 19.80
H4N NAP I . 19.64 3.85 15.47
H5N NAP I . 17.87 2.20 15.14
H6N NAP I . 17.31 0.62 16.93
HOP2 NAP I . 28.68 -1.90 28.64
HOP3 NAP I . 27.36 -1.47 31.06
C13 HJG J . 22.91 3.94 9.13
C18 HJG J . 21.04 2.21 13.19
C17 HJG J . 19.04 2.86 11.56
C16 HJG J . 19.64 4.11 12.07
C15 HJG J . 23.71 0.78 16.90
C22 HJG J . 23.92 -0.63 16.35
C23 HJG J . 22.56 0.82 17.90
C11 HJG J . 23.15 1.58 9.47
C12 HJG J . 23.50 2.74 8.81
CL1 HJG J . 24.63 2.67 7.49
C2 HJG J . 23.48 1.78 15.76
C3 HJG J . 24.36 2.81 15.49
C4 HJG J . 24.15 3.73 14.48
C5 HJG J . 23.08 3.62 13.66
N6 HJG J . 22.18 2.59 13.86
C7 HJG J . 22.33 1.67 14.90
C8 HJG J . 20.53 2.88 11.92
C9 HJG J . 21.57 2.83 10.79
C10 HJG J . 22.17 1.63 10.46
C14 HJG J . 21.96 3.98 10.12
N19 HJG J . 20.52 1.15 13.77
N20 HJG J . 21.33 0.80 14.85
O21 HJG J . 24.91 1.13 17.60
H35 HJG J . 23.22 4.85 8.60
H40 HJG J . 18.33 2.31 12.16
H39 HJG J . 18.75 2.79 10.51
H37 HJG J . 19.71 4.98 11.43
H38 HJG J . 19.43 4.45 13.09
H24 HJG J . 24.93 -0.77 15.97
H25 HJG J . 23.24 -0.91 15.54
H26 HJG J . 23.76 -1.38 17.12
H29 HJG J . 22.77 0.23 18.80
H27 HJG J . 21.62 0.43 17.50
H28 HJG J . 22.38 1.84 18.24
H34 HJG J . 23.65 0.64 9.21
H30 HJG J . 25.29 2.93 16.06
H31 HJG J . 24.82 4.59 14.40
H32 HJG J . 22.87 4.32 12.85
H33 HJG J . 21.88 0.71 10.95
H36 HJG J . 21.54 4.96 10.37
H41 HJG J . 25.06 0.46 18.30
PA NAP K . 10.37 -30.77 3.14
O1A NAP K . 9.64 -31.55 2.11
O2A NAP K . 9.94 -31.05 4.58
O5B NAP K . 11.94 -31.06 3.08
C5B NAP K . 12.89 -30.60 4.05
C4B NAP K . 14.27 -31.05 3.62
O4B NAP K . 15.26 -30.57 4.56
C3B NAP K . 14.45 -32.56 3.52
O3B NAP K . 15.29 -32.91 2.43
C2B NAP K . 15.14 -32.88 4.84
O2B NAP K . 15.87 -34.12 4.73
C1B NAP K . 16.04 -31.66 5.03
N9A NAP K . 16.43 -31.38 6.41
C8A NAP K . 15.62 -31.43 7.52
N7A NAP K . 16.26 -31.25 8.65
C5A NAP K . 17.57 -31.07 8.26
C6A NAP K . 18.78 -30.93 9.00
N6A NAP K . 18.85 -31.05 10.33
N1A NAP K . 19.92 -30.79 8.30
C2A NAP K . 19.88 -30.84 6.96
N3A NAP K . 18.82 -30.99 6.16
C4A NAP K . 17.70 -31.11 6.88
O3 NAP K . 10.25 -29.18 3.06
PN NAP K . 9.67 -28.19 1.95
O1N NAP K . 8.23 -27.98 2.26
O2N NAP K . 10.02 -28.71 0.61
O5D NAP K . 10.42 -26.83 2.28
C5D NAP K . 11.58 -26.40 1.55
C4D NAP K . 11.73 -24.90 1.73
O4D NAP K . 10.51 -24.23 1.33
C3D NAP K . 11.99 -24.43 3.15
O3D NAP K . 12.99 -23.42 3.18
C2D NAP K . 10.61 -23.91 3.56
O2D NAP K . 10.65 -22.89 4.56
C1D NAP K . 10.15 -23.22 2.28
N1N NAP K . 8.62 -23.06 2.31
C2N NAP K . 7.80 -24.19 2.17
C3N NAP K . 6.43 -24.09 2.30
C7N NAP K . 5.51 -25.28 2.12
O7N NAP K . 4.29 -25.13 2.30
N7N NAP K . 6.04 -26.46 1.75
C4N NAP K . 5.88 -22.84 2.55
C5N NAP K . 6.69 -21.72 2.67
C6N NAP K . 8.06 -21.86 2.55
P2B NAP K . 16.14 -35.12 5.95
O1X NAP K . 17.29 -34.53 6.70
O2X NAP K . 14.91 -35.40 6.82
O3X NAP K . 16.44 -36.45 5.19
HOA2 NAP K . 10.26 -30.68 5.43
H51A NAP K . 12.82 -29.51 4.01
H52A NAP K . 12.63 -30.92 5.06
H4B NAP K . 14.54 -30.54 2.69
H3B NAP K . 13.49 -33.06 3.45
HO3A NAP K . 14.75 -32.77 1.61
H2B NAP K . 14.38 -32.98 5.61
H1B NAP K . 16.94 -31.68 4.43
H8A NAP K . 14.55 -31.63 7.47
H61A NAP K . 18.02 -31.26 10.88
H62A NAP K . 19.73 -30.95 10.82
H2A NAP K . 20.84 -30.77 6.45
H51N NAP K . 11.58 -26.65 0.48
H52N NAP K . 12.40 -26.95 1.99
H4D NAP K . 12.51 -24.53 1.07
H3D NAP K . 12.26 -25.25 3.82
HO3N NAP K . 13.85 -23.89 3.29
H2D NAP K . 9.95 -24.71 3.88
HO2N NAP K . 10.76 -23.32 5.44
H1D NAP K . 10.59 -22.27 2.03
H2N NAP K . 8.29 -25.15 2.00
H71N NAP K . 5.44 -27.27 1.61
H72N NAP K . 7.03 -26.66 1.58
H4N NAP K . 4.80 -22.69 2.68
H5N NAP K . 6.26 -20.74 2.85
H6N NAP K . 8.72 -21.00 2.67
HOP2 NAP K . 14.35 -36.18 6.59
HOP3 NAP K . 16.31 -36.60 4.22
C13 HJG L . -0.25 -20.44 7.44
C18 HJG L . 4.06 -21.60 5.53
C17 HJG L . 3.21 -19.41 4.43
C16 HJG L . 2.41 -20.52 3.88
C15 HJG L . 6.69 -25.43 6.63
C22 HJG L . 7.28 -24.82 7.90
C23 HJG L . 7.64 -25.25 5.45
C11 HJG L . 1.65 -20.25 8.90
C12 HJG L . 0.29 -20.31 8.71
CL1 HJG L . -0.79 -20.19 10.08
C2 HJG L . 5.30 -24.86 6.34
C3 HJG L . 4.16 -25.57 6.51
C4 HJG L . 2.89 -25.01 6.32
C5 HJG L . 2.76 -23.71 5.97
N6 HJG L . 3.89 -22.94 5.81
C7 HJG L . 5.17 -23.47 5.97
C8 HJG L . 2.94 -20.61 5.31
C9 HJG L . 1.99 -20.47 6.51
C10 HJG L . 2.50 -20.32 7.80
C14 HJG L . 0.61 -20.53 6.35
N19 HJG L . 5.34 -21.34 5.51
N20 HJG L . 6.05 -22.50 5.78
O21 HJG L . 6.58 -26.84 6.85
H35 HJG L . -1.33 -20.49 7.31
H40 HJG L . 4.21 -19.21 4.03
H39 HJG L . 2.74 -18.45 4.66
H37 HJG L . 1.36 -20.37 3.65
H38 HJG L . 2.83 -21.21 3.15
H24 HJG L . 6.95 -25.38 8.77
H25 HJG L . 6.95 -23.80 8.08
H26 HJG L . 8.36 -24.81 7.90
H29 HJG L . 8.57 -25.77 5.57
H27 HJG L . 7.90 -24.21 5.25
H28 HJG L . 7.18 -25.65 4.54
H34 HJG L . 2.04 -20.16 9.92
H30 HJG L . 4.17 -26.63 6.80
H31 HJG L . 2.02 -25.65 6.45
H32 HJG L . 1.79 -23.25 5.80
H33 HJG L . 3.57 -20.24 7.96
H36 HJG L . 0.15 -20.64 5.37
H41 HJG L . 7.47 -27.19 7.10
#